data_5T8F
#
_entry.id   5T8F
#
_cell.length_a   91.096
_cell.length_b   108.604
_cell.length_c   142.223
_cell.angle_alpha   90.00
_cell.angle_beta   90.00
_cell.angle_gamma   90.00
#
_symmetry.space_group_name_H-M   'P 21 21 21'
#
loop_
_entity.id
_entity.type
_entity.pdbx_description
1 polymer 'Phosphatidylinositol 4,5-bisphosphate 3-kinase catalytic subunit delta isoform'
2 polymer 'Phosphatidylinositol 3-kinase regulatory subunit alpha'
3 non-polymer 2-methyl-2-(4-{2-[3-methyl-1-(propan-2-yl)-1H-1,2,4-triazol-5-yl]-5,6-dihydroimidazo[1,2-d][1,4]benzoxazepin-9-yl}-1H-pyrazol-1-yl)propanamide
4 water water
#
loop_
_entity_poly.entity_id
_entity_poly.type
_entity_poly.pdbx_seq_one_letter_code
_entity_poly.pdbx_strand_id
1 'polypeptide(L)'
;NQSVVVDFLLPTGVYLNFPVSRNANLSTIKQLLWHRAQYEPLFHMLSGPEAYVFTCINQTAEQQELEDEQRRLCDVQPFL
PVLRLVAREGDRVKKLINSQISLLIGKGLHEFDSLCDPEVNDFRAKMCQFCEEAAARRQQLGWEAWLQYSFPLQLEPSAQ
TWGPGTLRLPNRALLVNVKFEGSEESFTFQVSTKDVPLALMACALRKKATVFRQPLVEQPEDYTLQVNGRHEYLYGSYPL
CQFQYICSCLHSGLTPHLTMVHSSSILAMRDEQSNPAPQVQKPRAKPPPIPAKKPSSVSLWSLEQPFRIELIQGSKVNAD
ERMKLVVQAGLFHGNEMLCKTVSSSEVSVCSEPVWKQRLEFDINICDLPRMARLCFALYAVIEKAKKARSTKKKSKKADC
PIAWANLMLFDYKDQLKTGERCLYMWPSVPDEKGELLNPTGTVRSNPNTDSAAALLICLPEVAPHPVYYPALEKILELGR
HSECVHVTEEEQLQLREILERRGSGELYEHEKDLVWKLRHEVQEHFPEALARLLLVTKWNKHEDVAQMLYLLCSWPELPV
LSALELLDFSFPDCHVGSFAIKSLRKLTDDELFQYLLQLVQVLKYESYLDCELTKFLLDRALANRKIGHFLFWHLRSEMH
VPSVALRFGLILEAYCRGSTHHMKVLMKQGEALSKLKALNDFVKLSSQKTPKPQTKELMHLCMRQEAYLEALSHLQSPLD
PSTLLAEVCVEQCTFMDSKMKPLWIMYSNEEAGSGGSVGIIFKNGDDLRQDMLTLQMIQLMDVLWKQEGLDLRMTPYGCL
PTGDRTGLIEVVLRSDTIANIQLNKSNMAATAAFNKDALLNWLKSKNPGEALDRAIEEFTLSCAGYCVATYVLGIGDRHS
DNIMIRESGQLFHIDFGHFLGNFKTKFGINRERVPFILTYDFVHVIQQGKTNNSEKFERFRGYCERAYTILRRHGLLFLH
LFALMRAAGLPELSCSKDIQYLKDSLALGKTEEEALKHFRVKFNEALRESWKTKV
;
A
2 'polypeptide(L)'
;YQQDQVVKEDNIEAVGKKLHEYNTQFQEKSREYDRLYEDYTRTSQEIQMKRTAIEAFNETIKIFEEQCQTQERYSKEYIE
KFKREGNETEIQRIMHNYEKLKSRISEIVDSRRRLEEDLKKQAAEYREIDKRMNSIKPDLIQLRKTRDQYLMWLTQKGVR
QKKLNEWLG
;
B
#
# COMPACT_ATOMS: atom_id res chain seq x y z
N ASN A 1 10.88 -34.87 -0.36
CA ASN A 1 10.09 -35.96 0.29
C ASN A 1 8.70 -35.48 0.74
N GLN A 2 7.77 -36.44 0.79
CA GLN A 2 6.33 -36.17 1.01
C GLN A 2 5.88 -36.28 2.46
N SER A 3 6.60 -37.04 3.30
CA SER A 3 6.24 -37.24 4.72
C SER A 3 7.09 -36.42 5.70
N VAL A 4 6.51 -36.17 6.88
CA VAL A 4 7.18 -35.43 7.96
C VAL A 4 7.07 -36.19 9.28
N VAL A 5 8.18 -36.27 9.99
CA VAL A 5 8.21 -36.70 11.39
C VAL A 5 7.61 -35.60 12.28
N VAL A 6 6.39 -35.86 12.76
CA VAL A 6 5.66 -34.91 13.60
C VAL A 6 5.76 -35.34 15.06
N ASP A 7 6.07 -34.38 15.95
CA ASP A 7 6.05 -34.63 17.40
C ASP A 7 4.65 -34.44 17.95
N PHE A 8 4.21 -35.39 18.77
CA PHE A 8 2.90 -35.34 19.40
C PHE A 8 3.04 -35.32 20.92
N LEU A 9 2.51 -34.29 21.54
CA LEU A 9 2.51 -34.14 22.98
C LEU A 9 1.12 -34.38 23.53
N LEU A 10 0.97 -35.46 24.31
CA LEU A 10 -0.31 -35.82 24.93
C LEU A 10 -0.45 -35.13 26.31
N PRO A 11 -1.71 -34.89 26.74
CA PRO A 11 -2.00 -34.16 27.98
C PRO A 11 -1.85 -34.99 29.28
N THR A 12 -1.43 -36.24 29.13
CA THR A 12 -0.94 -37.06 30.23
C THR A 12 0.57 -36.92 30.44
N GLY A 13 1.24 -36.09 29.64
CA GLY A 13 2.70 -35.95 29.67
C GLY A 13 3.42 -36.82 28.65
N VAL A 14 2.72 -37.80 28.08
CA VAL A 14 3.29 -38.76 27.15
C VAL A 14 3.56 -38.04 25.81
N TYR A 15 4.56 -38.55 25.11
CA TYR A 15 5.11 -37.97 23.91
C TYR A 15 5.25 -39.05 22.84
N LEU A 16 4.78 -38.74 21.63
CA LEU A 16 4.92 -39.61 20.45
C LEU A 16 5.58 -38.85 19.31
N ASN A 17 6.18 -39.61 18.40
CA ASN A 17 7.03 -39.10 17.34
C ASN A 17 7.00 -40.10 16.19
N PHE A 18 6.05 -39.93 15.26
CA PHE A 18 5.91 -40.80 14.09
C PHE A 18 5.69 -40.00 12.80
N PRO A 19 5.99 -40.59 11.62
CA PRO A 19 5.85 -39.85 10.37
C PRO A 19 4.42 -39.83 9.83
N VAL A 20 4.01 -38.69 9.30
CA VAL A 20 2.73 -38.51 8.59
C VAL A 20 2.96 -37.75 7.30
N SER A 21 1.96 -37.74 6.42
CA SER A 21 2.08 -37.07 5.13
C SER A 21 1.79 -35.58 5.28
N ARG A 22 2.52 -34.75 4.53
CA ARG A 22 2.29 -33.29 4.50
C ARG A 22 0.89 -32.91 4.00
N ASN A 23 0.39 -33.68 3.02
CA ASN A 23 -0.98 -33.52 2.50
C ASN A 23 -2.12 -33.95 3.44
N ALA A 24 -1.80 -34.68 4.50
CA ALA A 24 -2.81 -35.18 5.42
C ALA A 24 -3.39 -34.04 6.24
N ASN A 25 -4.72 -33.98 6.29
CA ASN A 25 -5.42 -33.03 7.15
C ASN A 25 -5.44 -33.44 8.62
N LEU A 26 -5.61 -32.45 9.48
CA LEU A 26 -5.46 -32.65 10.91
C LEU A 26 -6.41 -33.70 11.47
N SER A 27 -7.63 -33.77 10.93
CA SER A 27 -8.58 -34.80 11.34
C SER A 27 -8.07 -36.22 11.13
N THR A 28 -7.37 -36.44 10.01
CA THR A 28 -6.74 -37.73 9.69
C THR A 28 -5.55 -37.99 10.61
N ILE A 29 -4.74 -36.96 10.85
CA ILE A 29 -3.58 -37.08 11.74
C ILE A 29 -4.00 -37.48 13.17
N LYS A 30 -5.14 -36.99 13.61
CA LYS A 30 -5.67 -37.36 14.93
C LYS A 30 -6.04 -38.85 14.98
N GLN A 31 -6.76 -39.35 13.96
CA GLN A 31 -7.06 -40.78 13.88
C GLN A 31 -5.77 -41.61 14.00
N LEU A 32 -4.77 -41.28 13.20
CA LEU A 32 -3.49 -41.99 13.23
C LEU A 32 -2.80 -41.82 14.57
N LEU A 33 -2.97 -40.65 15.20
CA LEU A 33 -2.40 -40.41 16.52
C LEU A 33 -3.01 -41.34 17.57
N TRP A 34 -4.33 -41.46 17.55
CA TRP A 34 -5.03 -42.31 18.51
C TRP A 34 -4.72 -43.77 18.33
N HIS A 35 -4.55 -44.21 17.09
CA HIS A 35 -4.15 -45.58 16.83
C HIS A 35 -2.77 -45.91 17.42
N ARG A 36 -1.86 -44.95 17.41
CA ARG A 36 -0.51 -45.13 17.95
C ARG A 36 -0.52 -45.02 19.47
N ALA A 37 -1.35 -44.11 19.98
CA ALA A 37 -1.46 -43.85 21.43
C ALA A 37 -1.93 -45.06 22.23
N GLN A 38 -2.82 -45.89 21.67
CA GLN A 38 -3.22 -47.18 22.28
C GLN A 38 -2.05 -47.91 22.91
N TYR A 39 -0.99 -48.05 22.13
CA TYR A 39 0.18 -48.84 22.47
C TYR A 39 1.26 -48.04 23.23
N GLU A 40 0.98 -46.77 23.54
CA GLU A 40 1.79 -45.98 24.47
C GLU A 40 1.07 -45.87 25.84
N PRO A 41 1.81 -45.57 26.92
CA PRO A 41 1.20 -45.60 28.26
C PRO A 41 0.20 -44.49 28.54
N LEU A 42 -0.64 -44.74 29.53
CA LEU A 42 -1.67 -43.81 30.02
C LEU A 42 -2.79 -43.52 29.01
N PHE A 43 -3.00 -44.45 28.09
CA PHE A 43 -4.05 -44.29 27.09
C PHE A 43 -5.46 -44.35 27.69
N HIS A 44 -5.63 -45.12 28.78
CA HIS A 44 -6.94 -45.28 29.43
C HIS A 44 -7.51 -44.00 30.04
N MET A 45 -6.62 -43.05 30.31
CA MET A 45 -6.98 -41.77 30.93
C MET A 45 -7.35 -40.65 29.95
N LEU A 46 -6.96 -40.78 28.68
CA LEU A 46 -7.39 -39.85 27.65
C LEU A 46 -8.89 -39.95 27.41
N SER A 47 -9.49 -38.84 27.01
CA SER A 47 -10.84 -38.83 26.48
C SER A 47 -10.79 -39.21 25.00
N GLY A 48 -11.95 -39.26 24.36
CA GLY A 48 -12.03 -39.40 22.90
C GLY A 48 -11.34 -38.26 22.15
N PRO A 49 -10.96 -38.48 20.87
CA PRO A 49 -10.29 -37.44 20.09
C PRO A 49 -11.09 -36.13 19.97
N GLU A 50 -12.41 -36.24 19.83
CA GLU A 50 -13.29 -35.05 19.77
C GLU A 50 -13.20 -34.12 20.98
N ALA A 51 -12.78 -34.65 22.13
CA ALA A 51 -12.57 -33.83 23.33
C ALA A 51 -11.37 -32.88 23.26
N TYR A 52 -10.47 -33.09 22.28
CA TYR A 52 -9.21 -32.34 22.18
C TYR A 52 -9.00 -31.57 20.86
N VAL A 53 -8.10 -30.60 20.95
CA VAL A 53 -7.72 -29.73 19.84
C VAL A 53 -6.21 -29.70 19.71
N PHE A 54 -5.71 -29.80 18.49
CA PHE A 54 -4.29 -29.64 18.21
C PHE A 54 -3.89 -28.16 18.39
N THR A 55 -2.67 -27.99 18.89
CA THR A 55 -2.03 -26.70 19.06
C THR A 55 -0.67 -26.78 18.39
N CYS A 56 -0.25 -25.68 17.79
CA CYS A 56 1.08 -25.59 17.18
C CYS A 56 1.57 -24.18 17.32
N ILE A 57 2.85 -23.99 17.00
CA ILE A 57 3.44 -22.65 16.83
C ILE A 57 3.49 -22.39 15.34
N ASN A 58 2.75 -21.39 14.87
CA ASN A 58 2.70 -21.07 13.43
C ASN A 58 3.90 -20.19 12.98
N GLN A 59 3.92 -19.81 11.70
CA GLN A 59 5.06 -19.08 11.13
C GLN A 59 5.35 -17.72 11.78
N THR A 60 4.34 -17.13 12.42
CA THR A 60 4.51 -15.88 13.18
C THR A 60 4.91 -16.06 14.66
N ALA A 61 5.43 -17.24 15.03
CA ALA A 61 5.91 -17.53 16.39
C ALA A 61 4.82 -17.52 17.46
N GLU A 62 3.55 -17.66 17.06
CA GLU A 62 2.43 -17.62 17.98
C GLU A 62 1.75 -18.95 18.07
N GLN A 63 1.20 -19.22 19.25
CA GLN A 63 0.42 -20.41 19.46
C GLN A 63 -0.90 -20.27 18.75
N GLN A 64 -1.32 -21.36 18.13
CA GLN A 64 -2.56 -21.39 17.37
C GLN A 64 -3.34 -22.65 17.67
N GLU A 65 -4.55 -22.49 18.19
CA GLU A 65 -5.46 -23.61 18.34
C GLU A 65 -6.10 -23.91 16.98
N LEU A 66 -5.84 -25.12 16.48
CA LEU A 66 -6.25 -25.55 15.16
C LEU A 66 -7.65 -26.14 15.18
N GLU A 67 -8.66 -25.28 15.22
CA GLU A 67 -10.06 -25.68 15.37
C GLU A 67 -10.62 -26.34 14.10
N ASP A 68 -10.32 -25.80 12.92
CA ASP A 68 -10.71 -26.44 11.66
C ASP A 68 -9.73 -27.54 11.31
N GLU A 69 -10.20 -28.78 11.43
CA GLU A 69 -9.40 -29.99 11.22
C GLU A 69 -9.53 -30.60 9.82
N GLN A 70 -10.32 -29.95 8.96
CA GLN A 70 -10.31 -30.27 7.54
C GLN A 70 -9.11 -29.62 6.85
N ARG A 71 -8.36 -28.81 7.59
CA ARG A 71 -7.23 -28.10 7.07
C ARG A 71 -6.03 -29.02 6.99
N ARG A 72 -5.22 -28.88 5.94
CA ARG A 72 -4.05 -29.74 5.76
C ARG A 72 -2.85 -29.22 6.52
N LEU A 73 -2.00 -30.15 6.95
CA LEU A 73 -0.77 -29.83 7.69
C LEU A 73 0.12 -28.87 6.93
N CYS A 74 0.35 -29.16 5.65
CA CYS A 74 1.11 -28.26 4.79
C CYS A 74 0.50 -26.84 4.73
N ASP A 75 -0.83 -26.74 4.79
CA ASP A 75 -1.50 -25.43 4.88
C ASP A 75 -1.32 -24.75 6.26
N VAL A 76 -1.21 -25.54 7.32
CA VAL A 76 -1.01 -24.96 8.65
C VAL A 76 0.36 -24.32 8.79
N GLN A 77 1.36 -25.02 8.27
CA GLN A 77 2.75 -24.57 8.29
C GLN A 77 3.16 -24.23 9.69
N PRO A 78 3.21 -25.24 10.58
CA PRO A 78 3.73 -25.00 11.91
C PRO A 78 5.23 -24.73 11.79
N PHE A 79 5.84 -24.12 12.81
CA PHE A 79 7.22 -23.72 12.72
C PHE A 79 8.07 -24.97 12.63
N LEU A 80 8.00 -25.78 13.69
CA LEU A 80 8.55 -27.13 13.70
C LEU A 80 7.36 -28.06 13.78
N PRO A 81 7.47 -29.26 13.17
CA PRO A 81 6.35 -30.18 13.11
C PRO A 81 6.01 -30.77 14.50
N VAL A 82 5.25 -29.99 15.25
CA VAL A 82 4.95 -30.24 16.64
C VAL A 82 3.49 -29.91 16.88
N LEU A 83 2.71 -30.90 17.26
CA LEU A 83 1.31 -30.74 17.62
C LEU A 83 1.11 -31.16 19.10
N ARG A 84 0.45 -30.30 19.88
CA ARG A 84 0.13 -30.58 21.28
C ARG A 84 -1.40 -30.68 21.40
N LEU A 85 -1.87 -31.66 22.17
CA LEU A 85 -3.28 -31.78 22.46
C LEU A 85 -3.64 -30.94 23.67
N VAL A 86 -4.73 -30.19 23.59
CA VAL A 86 -5.22 -29.38 24.69
C VAL A 86 -6.75 -29.45 24.72
N ALA A 87 -7.32 -28.92 25.79
CA ALA A 87 -8.75 -28.92 25.96
C ALA A 87 -9.43 -27.99 24.96
N ARG A 88 -10.54 -28.45 24.40
CA ARG A 88 -11.46 -27.60 23.62
C ARG A 88 -12.15 -26.64 24.60
N GLU A 89 -11.44 -25.56 24.96
CA GLU A 89 -11.71 -24.75 26.16
C GLU A 89 -11.99 -23.27 25.91
N GLY A 90 -12.86 -22.69 26.75
CA GLY A 90 -13.00 -21.23 26.86
C GLY A 90 -13.54 -20.52 25.63
N ASP A 91 -13.36 -19.20 25.59
CA ASP A 91 -13.79 -18.37 24.45
C ASP A 91 -12.87 -18.63 23.24
N ARG A 92 -13.18 -19.72 22.54
CA ARG A 92 -12.40 -20.14 21.38
C ARG A 92 -12.48 -19.17 20.21
N VAL A 93 -13.55 -18.36 20.14
CA VAL A 93 -13.77 -17.45 19.02
C VAL A 93 -12.74 -16.33 19.01
N LYS A 94 -12.57 -15.65 20.14
CA LYS A 94 -11.56 -14.59 20.28
C LYS A 94 -10.13 -15.09 19.97
N LYS A 95 -9.79 -16.27 20.52
CA LYS A 95 -8.48 -16.89 20.31
C LYS A 95 -8.26 -17.29 18.85
N LEU A 96 -9.29 -17.88 18.24
CA LEU A 96 -9.27 -18.25 16.83
C LEU A 96 -9.13 -17.04 15.90
N ILE A 97 -9.83 -15.96 16.22
CA ILE A 97 -9.77 -14.73 15.42
C ILE A 97 -8.37 -14.11 15.52
N ASN A 98 -7.81 -14.03 16.71
CA ASN A 98 -6.49 -13.41 16.89
C ASN A 98 -5.39 -14.13 16.11
N SER A 99 -5.44 -15.46 16.14
CA SER A 99 -4.53 -16.29 15.36
C SER A 99 -4.63 -16.02 13.87
N GLN A 100 -5.86 -16.01 13.37
CA GLN A 100 -6.12 -15.77 11.96
C GLN A 100 -5.75 -14.35 11.54
N ILE A 101 -5.97 -13.38 12.42
CA ILE A 101 -5.52 -12.02 12.17
C ILE A 101 -4.01 -11.96 12.01
N SER A 102 -3.28 -12.60 12.92
CA SER A 102 -1.81 -12.63 12.87
C SER A 102 -1.29 -13.17 11.55
N LEU A 103 -1.83 -14.31 11.14
CA LEU A 103 -1.48 -14.91 9.85
C LEU A 103 -1.86 -14.06 8.64
N LEU A 104 -3.01 -13.38 8.73
CA LEU A 104 -3.55 -12.60 7.63
C LEU A 104 -2.75 -11.33 7.36
N ILE A 105 -2.46 -10.58 8.41
CA ILE A 105 -1.71 -9.31 8.29
C ILE A 105 -0.19 -9.52 8.15
N GLY A 106 0.28 -10.76 8.32
CA GLY A 106 1.71 -11.07 8.26
C GLY A 106 2.51 -10.36 9.33
N LYS A 107 1.91 -10.23 10.50
CA LYS A 107 2.57 -9.74 11.72
C LYS A 107 1.83 -10.34 12.90
N GLY A 108 2.58 -11.00 13.78
CA GLY A 108 2.00 -11.57 14.99
C GLY A 108 1.54 -10.49 15.94
N LEU A 109 0.32 -10.62 16.43
CA LEU A 109 -0.26 -9.64 17.34
C LEU A 109 0.56 -9.45 18.61
N HIS A 110 1.25 -10.51 19.04
CA HIS A 110 2.15 -10.47 20.20
C HIS A 110 3.24 -9.41 20.05
N GLU A 111 3.68 -9.16 18.83
CA GLU A 111 4.71 -8.16 18.59
C GLU A 111 4.25 -6.79 19.02
N PHE A 112 2.95 -6.53 18.91
CA PHE A 112 2.35 -5.31 19.49
C PHE A 112 2.43 -5.32 21.02
N ASP A 113 2.06 -6.43 21.65
CA ASP A 113 2.20 -6.59 23.09
C ASP A 113 3.66 -6.39 23.53
N SER A 114 4.58 -7.06 22.82
CA SER A 114 6.02 -7.00 23.10
C SER A 114 6.59 -5.61 23.28
N LEU A 115 6.10 -4.66 22.49
CA LEU A 115 6.57 -3.27 22.56
C LEU A 115 6.36 -2.62 23.92
N CYS A 116 5.33 -3.04 24.66
CA CYS A 116 4.98 -2.44 25.95
C CYS A 116 4.83 -0.93 25.80
N ASP A 117 3.96 -0.54 24.88
CA ASP A 117 3.69 0.85 24.55
C ASP A 117 2.24 1.17 24.89
N PRO A 118 2.00 2.13 25.80
CA PRO A 118 0.65 2.63 26.08
C PRO A 118 -0.12 3.05 24.83
N GLU A 119 0.55 3.76 23.93
CA GLU A 119 -0.05 4.28 22.70
C GLU A 119 -0.60 3.16 21.83
N VAL A 120 0.23 2.14 21.59
CA VAL A 120 -0.19 0.95 20.87
C VAL A 120 -1.39 0.34 21.58
N ASN A 121 -1.23 0.09 22.88
CA ASN A 121 -2.24 -0.57 23.68
C ASN A 121 -3.57 0.20 23.74
N ASP A 122 -3.50 1.50 23.95
CA ASP A 122 -4.70 2.35 23.89
C ASP A 122 -5.37 2.29 22.52
N PHE A 123 -4.56 2.33 21.46
CA PHE A 123 -5.08 2.26 20.09
C PHE A 123 -5.83 0.95 19.92
N ARG A 124 -5.12 -0.15 20.10
CA ARG A 124 -5.71 -1.50 19.97
C ARG A 124 -6.98 -1.59 20.77
N ALA A 125 -6.98 -1.02 21.97
CA ALA A 125 -8.15 -1.02 22.83
C ALA A 125 -9.30 -0.27 22.19
N LYS A 126 -9.08 1.01 21.91
CA LYS A 126 -10.13 1.91 21.44
C LYS A 126 -10.73 1.47 20.12
N MET A 127 -9.86 1.09 19.20
CA MET A 127 -10.27 0.84 17.82
C MET A 127 -10.90 -0.52 17.65
N CYS A 128 -10.37 -1.52 18.32
CA CYS A 128 -10.97 -2.85 18.28
C CYS A 128 -12.40 -2.85 18.85
N GLN A 129 -12.62 -2.10 19.92
CA GLN A 129 -13.98 -1.90 20.44
C GLN A 129 -14.86 -1.18 19.41
N PHE A 130 -14.31 -0.13 18.80
CA PHE A 130 -15.03 0.68 17.81
C PHE A 130 -15.47 -0.15 16.58
N CYS A 131 -14.52 -0.90 16.05
CA CYS A 131 -14.79 -1.80 14.94
C CYS A 131 -15.72 -2.94 15.32
N GLU A 132 -15.54 -3.53 16.50
CA GLU A 132 -16.46 -4.59 16.95
C GLU A 132 -17.88 -4.06 17.13
N GLU A 133 -18.00 -2.84 17.63
CA GLU A 133 -19.29 -2.14 17.76
C GLU A 133 -20.02 -2.02 16.41
N ALA A 134 -19.32 -1.52 15.40
CA ALA A 134 -19.88 -1.42 14.05
C ALA A 134 -20.34 -2.78 13.53
N ALA A 135 -19.53 -3.81 13.73
CA ALA A 135 -19.83 -5.16 13.25
C ALA A 135 -21.13 -5.70 13.83
N ALA A 136 -21.25 -5.63 15.15
CA ALA A 136 -22.46 -6.06 15.85
C ALA A 136 -23.68 -5.25 15.38
N ARG A 137 -23.50 -3.94 15.29
CA ARG A 137 -24.53 -3.04 14.77
C ARG A 137 -24.97 -3.49 13.37
N ARG A 138 -23.99 -3.66 12.49
CA ARG A 138 -24.24 -4.14 11.11
C ARG A 138 -25.09 -5.40 11.02
N GLN A 139 -24.82 -6.35 11.92
CA GLN A 139 -25.49 -7.65 11.90
C GLN A 139 -27.01 -7.53 12.03
N GLN A 140 -27.44 -6.67 12.96
CA GLN A 140 -28.86 -6.45 13.23
C GLN A 140 -29.62 -5.95 11.99
N LEU A 141 -28.94 -5.15 11.16
CA LEU A 141 -29.54 -4.53 9.96
C LEU A 141 -30.09 -5.55 8.95
N GLY A 142 -31.11 -5.12 8.19
CA GLY A 142 -31.82 -5.99 7.23
C GLY A 142 -31.08 -6.29 5.93
N TRP A 143 -31.64 -7.23 5.17
CA TRP A 143 -31.01 -7.77 3.94
C TRP A 143 -30.76 -6.72 2.89
N GLU A 144 -31.66 -5.75 2.79
CA GLU A 144 -31.51 -4.64 1.86
C GLU A 144 -30.23 -3.86 2.18
N ALA A 145 -30.14 -3.40 3.41
CA ALA A 145 -28.98 -2.66 3.89
C ALA A 145 -27.72 -3.49 3.86
N TRP A 146 -27.83 -4.76 4.28
CA TRP A 146 -26.69 -5.66 4.27
C TRP A 146 -26.16 -5.91 2.87
N LEU A 147 -27.06 -6.00 1.89
CA LEU A 147 -26.64 -6.13 0.50
C LEU A 147 -25.83 -4.92 0.05
N GLN A 148 -26.30 -3.73 0.42
CA GLN A 148 -25.60 -2.46 0.14
C GLN A 148 -24.23 -2.37 0.82
N TYR A 149 -24.08 -3.01 1.99
CA TYR A 149 -22.78 -3.14 2.63
C TYR A 149 -21.91 -4.12 1.85
N SER A 150 -22.41 -5.33 1.71
CA SER A 150 -21.63 -6.43 1.19
C SER A 150 -21.27 -6.28 -0.29
N PHE A 151 -22.26 -5.90 -1.09
CA PHE A 151 -22.14 -5.79 -2.55
C PHE A 151 -22.74 -4.47 -3.03
N PRO A 152 -22.06 -3.35 -2.74
CA PRO A 152 -22.59 -2.03 -3.08
C PRO A 152 -22.66 -1.83 -4.58
N LEU A 153 -23.63 -1.04 -5.02
CA LEU A 153 -23.92 -0.89 -6.44
C LEU A 153 -22.73 -0.33 -7.22
N GLN A 154 -22.58 -0.82 -8.46
CA GLN A 154 -21.57 -0.35 -9.40
C GLN A 154 -22.29 0.35 -10.56
N LEU A 155 -22.29 1.68 -10.54
CA LEU A 155 -22.97 2.49 -11.54
C LEU A 155 -22.02 3.29 -12.41
N GLU A 156 -22.48 3.66 -13.60
CA GLU A 156 -21.77 4.54 -14.52
C GLU A 156 -22.14 5.99 -14.16
N PRO A 157 -21.16 6.92 -14.21
CA PRO A 157 -21.46 8.32 -13.87
C PRO A 157 -22.17 9.07 -15.00
N LEU A 169 -28.04 10.22 -22.89
CA LEU A 169 -28.83 9.18 -22.24
C LEU A 169 -30.09 8.82 -23.06
N PRO A 170 -29.96 7.86 -24.02
CA PRO A 170 -31.13 7.45 -24.81
C PRO A 170 -32.04 6.45 -24.09
N ASN A 171 -33.13 6.05 -24.76
CA ASN A 171 -34.15 5.15 -24.20
C ASN A 171 -34.53 4.00 -25.17
N ARG A 172 -33.53 3.18 -25.50
CA ARG A 172 -33.69 2.05 -26.45
C ARG A 172 -34.11 0.73 -25.77
N ALA A 173 -34.43 -0.27 -26.59
CA ALA A 173 -35.04 -1.54 -26.13
C ALA A 173 -34.30 -2.79 -26.59
N LEU A 174 -33.79 -3.58 -25.63
CA LEU A 174 -33.13 -4.87 -25.91
C LEU A 174 -33.41 -5.93 -24.84
N LEU A 175 -33.58 -7.18 -25.27
CA LEU A 175 -34.01 -8.30 -24.40
C LEU A 175 -33.00 -8.71 -23.34
N VAL A 176 -33.47 -9.49 -22.36
CA VAL A 176 -32.68 -9.90 -21.20
C VAL A 176 -33.10 -11.29 -20.69
N ASN A 177 -32.09 -12.09 -20.29
CA ASN A 177 -32.31 -13.43 -19.73
C ASN A 177 -32.35 -13.37 -18.21
N VAL A 178 -33.47 -13.83 -17.64
CA VAL A 178 -33.67 -13.87 -16.20
C VAL A 178 -34.07 -15.28 -15.78
N LYS A 179 -33.44 -15.78 -14.71
CA LYS A 179 -33.70 -17.11 -14.16
C LYS A 179 -33.86 -17.05 -12.63
N PHE A 180 -34.10 -18.21 -12.01
CA PHE A 180 -34.18 -18.34 -10.55
C PHE A 180 -33.12 -19.32 -10.03
N GLU A 181 -32.92 -19.31 -8.73
CA GLU A 181 -31.86 -20.08 -8.09
C GLU A 181 -32.28 -21.56 -7.95
N GLY A 182 -31.40 -22.46 -8.38
CA GLY A 182 -31.66 -23.90 -8.34
C GLY A 182 -32.72 -24.37 -9.32
N SER A 183 -32.69 -23.83 -10.54
CA SER A 183 -33.67 -24.17 -11.59
C SER A 183 -33.03 -24.14 -12.98
N GLU A 184 -33.28 -25.20 -13.75
CA GLU A 184 -32.76 -25.31 -15.11
C GLU A 184 -33.42 -24.29 -16.06
N GLU A 185 -34.74 -24.12 -15.92
CA GLU A 185 -35.51 -23.22 -16.77
C GLU A 185 -35.09 -21.76 -16.57
N SER A 186 -34.91 -21.05 -17.68
CA SER A 186 -34.60 -19.62 -17.70
C SER A 186 -35.53 -18.91 -18.68
N PHE A 187 -35.94 -17.69 -18.32
CA PHE A 187 -36.88 -16.89 -19.10
C PHE A 187 -36.12 -15.75 -19.80
N THR A 188 -36.33 -15.61 -21.10
CA THR A 188 -35.85 -14.47 -21.90
C THR A 188 -37.05 -13.60 -22.26
N PHE A 189 -36.87 -12.28 -22.17
CA PHE A 189 -37.94 -11.32 -22.51
C PHE A 189 -37.46 -9.88 -22.70
N GLN A 190 -38.30 -9.09 -23.39
CA GLN A 190 -37.98 -7.71 -23.76
C GLN A 190 -38.07 -6.75 -22.57
N VAL A 191 -37.23 -5.72 -22.61
CA VAL A 191 -37.16 -4.72 -21.55
C VAL A 191 -36.39 -3.51 -22.06
N SER A 192 -36.83 -2.30 -21.68
CA SER A 192 -36.16 -1.08 -22.13
C SER A 192 -34.90 -0.82 -21.33
N THR A 193 -34.07 0.10 -21.85
CA THR A 193 -32.85 0.51 -21.16
C THR A 193 -33.13 1.36 -19.91
N LYS A 194 -34.27 2.05 -19.88
CA LYS A 194 -34.59 3.00 -18.79
C LYS A 194 -35.58 2.47 -17.72
N ASP A 195 -35.76 1.15 -17.65
CA ASP A 195 -36.59 0.50 -16.61
C ASP A 195 -35.86 0.45 -15.26
N VAL A 196 -36.63 0.57 -14.17
CA VAL A 196 -36.14 0.37 -12.80
C VAL A 196 -36.19 -1.14 -12.51
N PRO A 197 -35.18 -1.70 -11.80
CA PRO A 197 -35.10 -3.17 -11.61
C PRO A 197 -36.31 -3.84 -10.94
N LEU A 198 -36.99 -3.13 -10.04
CA LEU A 198 -38.26 -3.63 -9.45
C LEU A 198 -39.26 -4.09 -10.50
N ALA A 199 -39.39 -3.32 -11.58
CA ALA A 199 -40.31 -3.64 -12.69
C ALA A 199 -39.89 -4.91 -13.45
N LEU A 200 -38.58 -5.10 -13.60
CA LEU A 200 -38.02 -6.28 -14.26
C LEU A 200 -38.29 -7.56 -13.47
N MET A 201 -38.12 -7.47 -12.14
CA MET A 201 -38.39 -8.59 -11.23
C MET A 201 -39.88 -8.98 -11.25
N ALA A 202 -40.74 -7.97 -11.10
CA ALA A 202 -42.20 -8.14 -11.18
C ALA A 202 -42.64 -8.87 -12.45
N CYS A 203 -42.00 -8.53 -13.56
CA CYS A 203 -42.25 -9.17 -14.86
C CYS A 203 -41.80 -10.64 -14.88
N ALA A 204 -40.58 -10.89 -14.38
CA ALA A 204 -40.02 -12.25 -14.35
C ALA A 204 -40.75 -13.16 -13.36
N LEU A 205 -41.16 -12.58 -12.22
CA LEU A 205 -41.92 -13.31 -11.18
C LEU A 205 -43.16 -14.04 -11.71
N ARG A 206 -43.76 -13.51 -12.78
CA ARG A 206 -44.79 -14.23 -13.54
C ARG A 206 -44.15 -15.45 -14.21
N LYS A 207 -44.03 -16.53 -13.43
CA LYS A 207 -43.33 -17.75 -13.84
C LYS A 207 -44.20 -18.59 -14.75
N LYS A 208 -45.41 -18.90 -14.30
CA LYS A 208 -46.41 -19.60 -15.10
C LYS A 208 -47.56 -18.64 -15.43
N ALA A 209 -48.28 -18.20 -14.40
CA ALA A 209 -49.40 -17.27 -14.54
C ALA A 209 -48.91 -15.82 -14.56
N GLU A 218 -45.36 -15.52 -3.42
CA GLU A 218 -44.19 -14.66 -3.55
C GLU A 218 -44.52 -13.28 -4.14
N GLN A 219 -43.64 -12.32 -3.89
CA GLN A 219 -43.80 -10.93 -4.33
C GLN A 219 -42.43 -10.35 -4.73
N PRO A 220 -42.38 -9.53 -5.81
CA PRO A 220 -41.07 -9.04 -6.31
C PRO A 220 -40.25 -8.12 -5.39
N GLU A 221 -40.87 -7.55 -4.35
CA GLU A 221 -40.16 -6.74 -3.35
C GLU A 221 -39.26 -7.57 -2.41
N ASP A 222 -39.46 -8.90 -2.40
CA ASP A 222 -38.65 -9.82 -1.60
C ASP A 222 -37.58 -10.49 -2.47
N TYR A 223 -36.99 -9.72 -3.36
CA TYR A 223 -36.03 -10.24 -4.33
C TYR A 223 -34.95 -9.22 -4.68
N THR A 224 -33.87 -9.74 -5.27
CA THR A 224 -32.83 -8.90 -5.88
C THR A 224 -32.22 -9.64 -7.08
N LEU A 225 -31.82 -8.88 -8.08
CA LEU A 225 -31.25 -9.46 -9.28
C LEU A 225 -29.73 -9.57 -9.10
N GLN A 226 -29.22 -10.77 -9.31
CA GLN A 226 -27.77 -11.04 -9.28
C GLN A 226 -27.26 -11.24 -10.70
N VAL A 227 -26.08 -10.69 -10.99
CA VAL A 227 -25.36 -11.00 -12.23
C VAL A 227 -24.70 -12.35 -12.03
N ASN A 228 -25.31 -13.41 -12.56
CA ASN A 228 -24.81 -14.79 -12.35
C ASN A 228 -23.37 -15.00 -12.83
N GLY A 229 -22.60 -15.71 -12.00
CA GLY A 229 -21.15 -15.87 -12.18
C GLY A 229 -20.27 -14.90 -11.39
N ARG A 230 -20.87 -13.84 -10.86
CA ARG A 230 -20.14 -12.81 -10.12
C ARG A 230 -21.02 -12.20 -9.03
N HIS A 231 -20.42 -11.84 -7.90
CA HIS A 231 -21.15 -11.18 -6.81
C HIS A 231 -21.45 -9.71 -7.13
N GLU A 232 -22.41 -9.49 -8.03
CA GLU A 232 -22.84 -8.15 -8.42
C GLU A 232 -24.36 -8.13 -8.50
N TYR A 233 -24.99 -7.25 -7.73
CA TYR A 233 -26.44 -7.24 -7.58
C TYR A 233 -27.05 -5.95 -8.12
N LEU A 234 -28.28 -6.05 -8.60
CA LEU A 234 -29.00 -4.96 -9.24
C LEU A 234 -30.24 -4.62 -8.41
N TYR A 235 -30.24 -3.42 -7.86
CA TYR A 235 -31.27 -2.98 -6.92
C TYR A 235 -31.28 -1.47 -6.75
N GLY A 236 -32.27 -0.97 -6.02
CA GLY A 236 -32.35 0.45 -5.66
C GLY A 236 -33.00 1.30 -6.73
N SER A 237 -33.26 2.56 -6.37
CA SER A 237 -33.95 3.50 -7.25
C SER A 237 -33.06 4.03 -8.38
N TYR A 238 -32.80 3.17 -9.37
CA TYR A 238 -31.87 3.46 -10.46
C TYR A 238 -32.28 2.74 -11.76
N PRO A 239 -32.03 3.35 -12.93
CA PRO A 239 -32.45 2.73 -14.19
C PRO A 239 -31.52 1.62 -14.60
N LEU A 240 -31.98 0.77 -15.51
CA LEU A 240 -31.19 -0.39 -15.96
C LEU A 240 -29.84 0.00 -16.58
N CYS A 241 -29.84 1.01 -17.44
CA CYS A 241 -28.64 1.39 -18.19
C CYS A 241 -27.52 2.04 -17.35
N GLN A 242 -27.85 2.60 -16.18
CA GLN A 242 -26.83 3.15 -15.27
C GLN A 242 -25.95 2.07 -14.62
N PHE A 243 -26.43 0.83 -14.56
CA PHE A 243 -25.64 -0.30 -14.08
C PHE A 243 -24.54 -0.67 -15.07
N GLN A 244 -23.35 -0.99 -14.56
CA GLN A 244 -22.21 -1.32 -15.42
C GLN A 244 -22.45 -2.57 -16.28
N TYR A 245 -22.97 -3.62 -15.67
CA TYR A 245 -23.23 -4.89 -16.37
C TYR A 245 -24.17 -4.71 -17.56
N ILE A 246 -25.26 -4.01 -17.31
CA ILE A 246 -26.24 -3.71 -18.35
C ILE A 246 -25.65 -2.77 -19.41
N CYS A 247 -25.00 -1.71 -18.94
CA CYS A 247 -24.30 -0.77 -19.82
C CYS A 247 -23.26 -1.45 -20.69
N SER A 248 -22.46 -2.33 -20.08
CA SER A 248 -21.40 -3.08 -20.76
C SER A 248 -21.96 -3.96 -21.87
N CYS A 249 -22.93 -4.79 -21.50
CA CYS A 249 -23.57 -5.73 -22.42
C CYS A 249 -24.32 -5.03 -23.57
N LEU A 250 -25.03 -3.95 -23.26
CA LEU A 250 -25.75 -3.15 -24.28
C LEU A 250 -24.84 -2.43 -25.30
N HIS A 251 -23.63 -2.07 -24.86
CA HIS A 251 -22.61 -1.49 -25.75
C HIS A 251 -22.19 -2.52 -26.78
N SER A 252 -21.76 -3.69 -26.28
CA SER A 252 -21.37 -4.83 -27.12
C SER A 252 -22.55 -5.50 -27.82
N GLY A 253 -23.76 -5.34 -27.27
CA GLY A 253 -24.99 -5.92 -27.81
C GLY A 253 -25.47 -7.22 -27.17
N LEU A 254 -24.68 -7.79 -26.27
CA LEU A 254 -24.97 -9.10 -25.66
C LEU A 254 -26.21 -9.07 -24.75
N THR A 255 -26.87 -10.22 -24.62
CA THR A 255 -28.02 -10.38 -23.73
C THR A 255 -27.54 -10.47 -22.28
N PRO A 256 -28.05 -9.61 -21.38
CA PRO A 256 -27.67 -9.76 -19.97
C PRO A 256 -28.24 -11.03 -19.36
N HIS A 257 -27.45 -11.68 -18.51
CA HIS A 257 -27.88 -12.87 -17.78
C HIS A 257 -27.99 -12.54 -16.29
N LEU A 258 -29.21 -12.26 -15.86
CA LEU A 258 -29.52 -12.04 -14.45
C LEU A 258 -30.14 -13.28 -13.81
N THR A 259 -30.19 -13.26 -12.48
CA THR A 259 -30.75 -14.34 -11.68
C THR A 259 -31.52 -13.74 -10.50
N MET A 260 -32.73 -14.26 -10.25
CA MET A 260 -33.58 -13.82 -9.15
C MET A 260 -33.17 -14.53 -7.88
N VAL A 261 -32.86 -13.77 -6.84
CA VAL A 261 -32.47 -14.32 -5.54
C VAL A 261 -33.42 -13.83 -4.44
N HIS A 262 -33.81 -14.74 -3.56
CA HIS A 262 -34.81 -14.48 -2.51
C HIS A 262 -34.22 -13.72 -1.33
N SER A 263 -35.06 -12.95 -0.64
CA SER A 263 -34.62 -12.13 0.50
C SER A 263 -34.06 -12.97 1.67
N SER A 264 -34.70 -14.10 1.94
CA SER A 264 -34.22 -15.09 2.92
C SER A 264 -32.86 -15.70 2.55
N SER A 265 -32.60 -15.84 1.26
CA SER A 265 -31.31 -16.34 0.77
C SER A 265 -30.15 -15.39 1.07
N ILE A 266 -30.44 -14.10 1.20
CA ILE A 266 -29.46 -13.09 1.62
C ILE A 266 -29.21 -13.14 3.13
N LEU A 267 -30.25 -13.38 3.91
CA LEU A 267 -30.12 -13.55 5.36
C LEU A 267 -29.16 -14.70 5.70
N ALA A 268 -29.09 -15.71 4.84
CA ALA A 268 -28.13 -16.82 4.97
C ALA A 268 -26.67 -16.34 4.92
N MET A 269 -26.36 -15.48 3.95
CA MET A 269 -25.03 -14.85 3.86
C MET A 269 -24.76 -13.94 5.04
N ARG A 270 -25.79 -13.23 5.50
CA ARG A 270 -25.69 -12.29 6.63
C ARG A 270 -25.24 -12.96 7.94
N ASP A 271 -25.52 -14.25 8.11
CA ASP A 271 -25.07 -14.99 9.30
C ASP A 271 -23.53 -14.93 9.50
N GLU A 272 -23.09 -13.87 10.19
CA GLU A 272 -21.69 -13.69 10.61
C GLU A 272 -21.67 -13.03 12.00
N GLN A 273 -20.88 -13.62 12.92
CA GLN A 273 -20.74 -13.08 14.29
C GLN A 273 -19.28 -13.05 14.72
N SER A 299 -0.82 26.47 32.56
CA SER A 299 0.26 25.79 33.28
C SER A 299 1.50 25.58 32.40
N LEU A 300 1.29 25.25 31.12
CA LEU A 300 2.37 25.18 30.13
C LEU A 300 2.89 26.57 29.76
N TRP A 301 1.97 27.50 29.51
CA TRP A 301 2.32 28.87 29.12
C TRP A 301 2.97 29.71 30.22
N SER A 302 2.93 29.23 31.47
CA SER A 302 3.73 29.81 32.55
C SER A 302 5.24 29.52 32.41
N LEU A 303 5.59 28.39 31.80
CA LEU A 303 7.00 27.98 31.66
C LEU A 303 7.75 28.77 30.59
N GLU A 304 8.35 29.90 30.99
CA GLU A 304 9.07 30.79 30.07
C GLU A 304 10.58 30.48 29.91
N GLN A 305 11.02 29.31 30.51
CA GLN A 305 12.35 28.67 30.40
C GLN A 305 12.71 28.43 28.91
N PRO A 306 13.98 28.73 28.36
CA PRO A 306 14.27 28.23 26.99
C PRO A 306 14.23 26.71 26.90
N PHE A 307 13.85 26.18 25.75
CA PHE A 307 13.82 24.74 25.52
C PHE A 307 15.22 24.20 25.28
N ARG A 308 15.52 23.08 25.92
CA ARG A 308 16.82 22.43 25.78
C ARG A 308 16.72 20.92 25.94
N ILE A 309 17.82 20.25 25.62
CA ILE A 309 17.92 18.80 25.70
C ILE A 309 19.36 18.37 26.04
N GLU A 310 19.49 17.20 26.63
CA GLU A 310 20.80 16.60 26.91
C GLU A 310 21.06 15.48 25.91
N LEU A 311 22.06 15.67 25.06
CA LEU A 311 22.54 14.63 24.13
C LEU A 311 23.59 13.78 24.85
N ILE A 312 23.21 12.58 25.24
CA ILE A 312 24.08 11.72 26.04
C ILE A 312 25.06 10.98 25.13
N GLN A 313 24.56 9.99 24.39
CA GLN A 313 25.40 8.99 23.75
C GLN A 313 24.81 8.56 22.41
N GLY A 314 25.69 8.09 21.53
CA GLY A 314 25.30 7.32 20.35
C GLY A 314 25.58 5.84 20.53
N SER A 315 24.98 5.02 19.68
CA SER A 315 25.09 3.57 19.76
C SER A 315 25.13 2.94 18.39
N LYS A 316 25.94 1.88 18.25
CA LYS A 316 26.02 1.08 17.01
C LYS A 316 26.22 1.95 15.76
N VAL A 317 27.11 2.93 15.88
CA VAL A 317 27.43 3.85 14.80
C VAL A 317 28.56 3.25 13.97
N ASN A 318 28.31 3.05 12.69
CA ASN A 318 29.27 2.48 11.75
C ASN A 318 29.81 3.54 10.80
N ALA A 319 31.09 3.88 10.94
CA ALA A 319 31.68 4.98 10.16
C ALA A 319 33.20 4.86 10.01
N ASP A 320 33.76 5.76 9.20
CA ASP A 320 35.20 5.84 8.98
C ASP A 320 35.90 6.41 10.20
N GLU A 321 36.89 5.68 10.72
CA GLU A 321 37.64 6.09 11.93
C GLU A 321 38.36 7.43 11.79
N ARG A 322 38.80 7.76 10.57
CA ARG A 322 39.53 9.00 10.30
C ARG A 322 38.64 10.24 10.50
N MET A 323 37.42 10.17 9.99
CA MET A 323 36.40 11.21 10.22
C MET A 323 36.01 11.29 11.69
N LYS A 324 35.23 12.32 12.02
CA LYS A 324 34.68 12.51 13.37
C LYS A 324 33.18 12.73 13.29
N LEU A 325 32.45 12.31 14.32
CA LEU A 325 30.99 12.37 14.35
C LEU A 325 30.46 13.68 14.94
N VAL A 326 29.44 14.23 14.29
CA VAL A 326 28.68 15.37 14.79
C VAL A 326 27.19 15.05 14.72
N VAL A 327 26.42 15.60 15.65
CA VAL A 327 24.96 15.51 15.64
C VAL A 327 24.39 16.90 15.52
N GLN A 328 23.59 17.12 14.48
CA GLN A 328 22.81 18.34 14.31
C GLN A 328 21.36 18.08 14.69
N ALA A 329 20.80 18.99 15.48
CA ALA A 329 19.42 18.91 15.93
C ALA A 329 18.68 20.16 15.53
N GLY A 330 17.39 20.01 15.26
CA GLY A 330 16.53 21.14 14.93
C GLY A 330 15.08 20.82 15.25
N LEU A 331 14.38 21.83 15.77
CA LEU A 331 12.94 21.73 16.03
C LEU A 331 12.17 22.09 14.78
N PHE A 332 11.04 21.42 14.58
CA PHE A 332 10.21 21.62 13.40
C PHE A 332 8.72 21.52 13.72
N HIS A 333 7.93 22.25 12.93
CA HIS A 333 6.49 22.09 12.90
C HIS A 333 6.13 21.99 11.43
N GLY A 334 5.86 20.77 10.98
CA GLY A 334 5.59 20.50 9.57
C GLY A 334 6.86 20.58 8.76
N ASN A 335 6.80 21.31 7.64
CA ASN A 335 7.99 21.59 6.81
C ASN A 335 8.86 22.70 7.39
N GLU A 336 8.24 23.79 7.85
CA GLU A 336 8.96 24.98 8.31
C GLU A 336 9.56 24.80 9.71
N MET A 337 10.67 25.51 9.95
CA MET A 337 11.39 25.50 11.23
C MET A 337 10.70 26.39 12.27
N LEU A 338 10.99 26.08 13.53
CA LEU A 338 10.53 26.87 14.66
C LEU A 338 11.63 27.78 15.24
N CYS A 339 12.89 27.38 15.04
CA CYS A 339 14.04 28.17 15.47
C CYS A 339 15.29 27.71 14.71
N LYS A 340 16.41 28.38 14.93
CA LYS A 340 17.70 27.97 14.34
C LYS A 340 18.17 26.61 14.87
N THR A 341 18.92 25.89 14.04
CA THR A 341 19.32 24.50 14.31
C THR A 341 20.69 24.45 14.96
N VAL A 342 20.74 23.94 16.19
CA VAL A 342 21.99 23.86 16.95
C VAL A 342 22.83 22.66 16.53
N SER A 343 24.05 22.57 17.05
CA SER A 343 24.99 21.48 16.72
C SER A 343 25.87 21.04 17.91
N SER A 344 26.53 19.90 17.73
CA SER A 344 27.41 19.30 18.75
C SER A 344 28.86 19.56 18.42
N SER A 345 29.73 19.12 19.33
CA SER A 345 31.17 19.16 19.10
C SER A 345 31.60 17.95 18.25
N GLU A 346 32.80 18.05 17.70
CA GLU A 346 33.42 16.96 16.95
C GLU A 346 34.00 15.94 17.95
N VAL A 347 33.26 14.85 18.15
CA VAL A 347 33.73 13.69 18.89
C VAL A 347 34.19 12.66 17.84
N SER A 348 35.28 11.97 18.14
CA SER A 348 35.89 11.02 17.19
C SER A 348 35.00 9.79 16.93
N VAL A 349 35.13 9.23 15.72
CA VAL A 349 34.28 8.13 15.27
C VAL A 349 34.52 6.86 16.08
N CYS A 350 33.42 6.29 16.58
CA CYS A 350 33.42 4.96 17.20
C CYS A 350 31.99 4.42 17.18
N SER A 351 31.79 3.20 17.66
CA SER A 351 30.46 2.61 17.79
C SER A 351 29.60 3.28 18.86
N GLU A 352 30.25 3.68 19.96
CA GLU A 352 29.56 4.15 21.16
C GLU A 352 30.06 5.55 21.54
N PRO A 353 29.85 6.55 20.67
CA PRO A 353 30.33 7.90 20.94
C PRO A 353 29.56 8.58 22.07
N VAL A 354 30.26 9.36 22.89
CA VAL A 354 29.68 10.02 24.05
C VAL A 354 29.85 11.53 23.90
N TRP A 355 28.76 12.27 24.10
CA TRP A 355 28.71 13.73 23.93
C TRP A 355 28.45 14.45 25.23
N LYS A 356 27.33 14.12 25.88
CA LYS A 356 26.92 14.75 27.15
C LYS A 356 26.87 16.29 27.06
N GLN A 357 26.11 16.78 26.08
CA GLN A 357 26.01 18.22 25.79
C GLN A 357 24.61 18.76 26.02
N ARG A 358 24.52 19.92 26.67
CA ARG A 358 23.27 20.65 26.80
C ARG A 358 23.05 21.43 25.51
N LEU A 359 22.24 20.86 24.62
CA LEU A 359 21.81 21.56 23.41
C LEU A 359 20.63 22.48 23.74
N GLU A 360 20.87 23.79 23.70
CA GLU A 360 19.85 24.81 23.98
C GLU A 360 19.41 25.49 22.69
N PHE A 361 18.11 25.47 22.46
CA PHE A 361 17.51 26.03 21.24
C PHE A 361 17.02 27.45 21.48
N ASP A 362 16.88 28.20 20.39
CA ASP A 362 16.40 29.59 20.42
C ASP A 362 14.87 29.60 20.39
N ILE A 363 14.26 29.08 21.45
CA ILE A 363 12.81 29.04 21.63
C ILE A 363 12.48 28.61 23.06
N ASN A 364 11.42 29.18 23.63
CA ASN A 364 10.94 28.78 24.96
C ASN A 364 10.06 27.52 24.92
N ILE A 365 9.77 26.98 26.10
CA ILE A 365 8.92 25.80 26.24
C ILE A 365 7.46 26.19 25.96
N CYS A 366 7.02 27.30 26.52
CA CYS A 366 5.68 27.85 26.27
C CYS A 366 5.43 28.18 24.78
N ASP A 367 6.49 28.55 24.06
CA ASP A 367 6.44 28.81 22.62
C ASP A 367 6.16 27.57 21.74
N LEU A 368 6.61 26.40 22.18
CA LEU A 368 6.51 25.16 21.41
C LEU A 368 5.04 24.79 21.07
N PRO A 369 4.72 24.54 19.78
CA PRO A 369 3.34 24.21 19.39
C PRO A 369 2.96 22.76 19.71
N ARG A 370 1.70 22.41 19.44
CA ARG A 370 1.19 21.07 19.76
C ARG A 370 1.99 19.98 19.06
N MET A 371 2.17 20.14 17.75
CA MET A 371 2.89 19.16 16.94
C MET A 371 4.37 19.50 16.76
N ALA A 372 5.01 19.99 17.82
CA ALA A 372 6.44 20.26 17.78
C ALA A 372 7.19 18.95 17.59
N ARG A 373 8.25 19.02 16.78
CA ARG A 373 8.94 17.85 16.26
C ARG A 373 10.44 18.07 16.33
N LEU A 374 11.08 17.46 17.33
CA LEU A 374 12.53 17.48 17.44
C LEU A 374 13.11 16.47 16.47
N CYS A 375 14.12 16.90 15.71
CA CYS A 375 14.65 16.14 14.59
C CYS A 375 16.16 16.08 14.65
N PHE A 376 16.70 14.87 14.83
CA PHE A 376 18.14 14.63 14.85
C PHE A 376 18.67 14.11 13.51
N ALA A 377 19.89 14.53 13.18
CA ALA A 377 20.68 13.89 12.13
C ALA A 377 22.12 13.70 12.63
N LEU A 378 22.66 12.48 12.46
CA LEU A 378 24.04 12.17 12.79
C LEU A 378 24.89 12.26 11.53
N TYR A 379 25.98 13.02 11.61
CA TYR A 379 26.87 13.29 10.47
C TYR A 379 28.31 12.90 10.80
N ALA A 380 29.02 12.36 9.81
CA ALA A 380 30.46 12.11 9.88
C ALA A 380 31.18 13.19 9.08
N VAL A 381 32.04 13.95 9.75
CA VAL A 381 32.71 15.14 9.17
C VAL A 381 34.22 15.09 9.43
N ILE A 382 34.98 15.78 8.57
CA ILE A 382 36.43 15.92 8.71
C ILE A 382 36.72 16.93 9.85
N GLU A 383 37.76 16.65 10.62
CA GLU A 383 38.15 17.48 11.78
C GLU A 383 38.42 18.97 11.44
N LYS A 384 38.95 19.22 10.24
CA LYS A 384 39.31 20.56 9.70
C LYS A 384 40.58 21.16 10.33
N ALA A 385 41.34 20.32 11.04
CA ALA A 385 42.58 20.73 11.70
C ALA A 385 43.73 20.82 10.68
N ASP A 399 30.16 16.63 3.34
CA ASP A 399 29.85 15.95 4.60
C ASP A 399 28.93 14.75 4.39
N CYS A 400 29.06 13.76 5.27
CA CYS A 400 28.34 12.50 5.20
C CYS A 400 27.17 12.46 6.21
N PRO A 401 25.91 12.51 5.73
CA PRO A 401 24.80 12.24 6.65
C PRO A 401 24.70 10.73 6.90
N ILE A 402 24.90 10.34 8.16
CA ILE A 402 24.85 8.94 8.56
C ILE A 402 23.39 8.49 8.69
N ALA A 403 22.67 9.12 9.61
CA ALA A 403 21.34 8.68 10.00
C ALA A 403 20.50 9.86 10.48
N TRP A 404 19.26 9.58 10.86
CA TRP A 404 18.34 10.61 11.35
C TRP A 404 17.24 10.00 12.21
N ALA A 405 16.67 10.84 13.07
CA ALA A 405 15.59 10.44 13.96
C ALA A 405 14.73 11.63 14.32
N ASN A 406 13.42 11.46 14.25
CA ASN A 406 12.47 12.50 14.67
C ASN A 406 11.72 12.09 15.92
N LEU A 407 11.20 13.10 16.60
CA LEU A 407 10.61 12.92 17.91
C LEU A 407 9.59 14.02 18.21
N MET A 408 8.39 13.60 18.57
CA MET A 408 7.33 14.50 19.00
C MET A 408 7.62 14.91 20.43
N LEU A 409 7.63 16.21 20.68
CA LEU A 409 7.92 16.75 22.02
C LEU A 409 6.77 16.48 22.99
N PHE A 410 5.54 16.57 22.48
CA PHE A 410 4.35 16.14 23.24
C PHE A 410 4.03 14.71 22.85
N ASP A 411 3.49 13.93 23.79
CA ASP A 411 3.10 12.53 23.53
C ASP A 411 1.64 12.47 23.11
N TYR A 412 1.11 11.25 22.92
CA TYR A 412 -0.24 11.08 22.39
C TYR A 412 -1.38 11.56 23.30
N LYS A 413 -1.15 11.63 24.61
CA LYS A 413 -2.14 12.14 25.57
C LYS A 413 -1.97 13.65 25.86
N ASP A 414 -1.31 14.37 24.95
CA ASP A 414 -1.05 15.82 25.04
C ASP A 414 -0.01 16.23 26.10
N GLN A 415 0.79 15.29 26.60
CA GLN A 415 1.78 15.60 27.64
C GLN A 415 3.14 15.88 27.02
N LEU A 416 3.75 17.00 27.43
CA LEU A 416 5.14 17.32 27.06
C LEU A 416 6.08 16.28 27.68
N LYS A 417 6.83 15.58 26.83
CA LYS A 417 7.62 14.43 27.28
C LYS A 417 8.78 14.84 28.17
N THR A 418 9.18 13.94 29.06
CA THR A 418 10.33 14.15 29.93
C THR A 418 11.11 12.84 30.09
N GLY A 419 12.33 12.96 30.61
CA GLY A 419 13.19 11.81 30.85
C GLY A 419 13.90 11.29 29.62
N GLU A 420 14.59 10.16 29.79
CA GLU A 420 15.43 9.58 28.76
C GLU A 420 14.61 8.93 27.66
N ARG A 421 14.97 9.24 26.42
CA ARG A 421 14.45 8.58 25.23
C ARG A 421 15.64 8.06 24.45
N CYS A 422 15.56 6.80 24.04
CA CYS A 422 16.51 6.19 23.12
C CYS A 422 15.83 6.15 21.74
N LEU A 423 16.25 7.03 20.85
CA LEU A 423 15.68 7.14 19.51
C LEU A 423 16.48 6.28 18.54
N TYR A 424 15.87 5.20 18.05
CA TYR A 424 16.52 4.30 17.09
C TYR A 424 16.49 4.93 15.69
N MET A 425 17.64 5.40 15.23
CA MET A 425 17.74 6.20 14.00
C MET A 425 17.59 5.38 12.73
N TRP A 426 17.07 6.05 11.70
CA TRP A 426 16.95 5.51 10.36
C TRP A 426 18.12 6.00 9.54
N PRO A 427 18.61 5.20 8.58
CA PRO A 427 19.75 5.65 7.78
C PRO A 427 19.39 6.72 6.77
N SER A 428 20.30 7.67 6.57
CA SER A 428 20.10 8.75 5.63
C SER A 428 20.43 8.21 4.25
N VAL A 429 19.55 8.47 3.31
CA VAL A 429 19.79 8.16 1.89
C VAL A 429 20.03 9.51 1.22
N PRO A 430 21.14 9.63 0.46
CA PRO A 430 21.44 10.91 -0.19
C PRO A 430 20.50 11.17 -1.36
N ASP A 431 19.64 12.18 -1.21
CA ASP A 431 18.74 12.66 -2.26
C ASP A 431 19.27 13.98 -2.85
N GLU A 432 18.61 14.44 -3.92
CA GLU A 432 18.97 15.70 -4.63
C GLU A 432 18.97 16.92 -3.71
N LYS A 433 17.90 17.07 -2.92
CA LYS A 433 17.78 18.15 -1.94
C LYS A 433 18.46 17.76 -0.64
N GLY A 434 19.78 17.93 -0.61
CA GLY A 434 20.58 17.52 0.56
C GLY A 434 20.37 18.42 1.77
N GLU A 435 19.26 18.21 2.49
CA GLU A 435 18.94 19.01 3.67
C GLU A 435 19.74 18.51 4.87
N LEU A 436 19.91 19.39 5.84
CA LEU A 436 20.57 19.06 7.11
C LEU A 436 19.81 17.95 7.84
N LEU A 437 18.52 18.19 8.04
CA LEU A 437 17.64 17.29 8.78
C LEU A 437 16.59 16.72 7.85
N ASN A 438 15.78 15.81 8.37
CA ASN A 438 14.71 15.16 7.62
C ASN A 438 13.37 15.25 8.37
N PRO A 439 12.81 16.47 8.49
CA PRO A 439 11.57 16.66 9.25
C PRO A 439 10.33 15.98 8.67
N THR A 440 10.31 15.71 7.37
CA THR A 440 9.18 14.99 6.74
C THR A 440 9.17 13.50 7.08
N GLY A 441 10.32 12.97 7.49
CA GLY A 441 10.43 11.57 7.85
C GLY A 441 9.53 11.15 9.00
N THR A 442 9.27 9.85 9.08
CA THR A 442 8.40 9.29 10.10
C THR A 442 8.90 9.53 11.56
N VAL A 443 7.95 9.78 12.46
CA VAL A 443 8.17 9.87 13.89
C VAL A 443 8.39 8.48 14.52
N ARG A 444 7.88 7.44 13.88
CA ARG A 444 7.95 6.10 14.45
C ARG A 444 9.42 5.61 14.53
N SER A 445 9.74 4.88 15.59
CA SER A 445 11.09 4.36 15.77
C SER A 445 11.40 3.21 14.83
N ASN A 446 12.69 3.00 14.60
CA ASN A 446 13.17 1.89 13.77
C ASN A 446 12.88 0.57 14.50
N PRO A 447 12.16 -0.36 13.84
CA PRO A 447 11.94 -1.66 14.50
C PRO A 447 13.14 -2.61 14.59
N ASN A 448 14.24 -2.31 13.90
CA ASN A 448 15.47 -3.11 13.97
C ASN A 448 16.30 -2.74 15.19
N THR A 449 15.73 -2.90 16.38
CA THR A 449 16.31 -2.32 17.59
C THR A 449 17.62 -2.96 18.02
N ASP A 450 17.74 -4.28 17.88
CA ASP A 450 18.98 -4.98 18.26
C ASP A 450 20.23 -4.61 17.42
N SER A 451 20.05 -4.36 16.12
CA SER A 451 21.18 -4.10 15.19
C SER A 451 21.38 -2.64 14.72
N ALA A 452 20.28 -1.87 14.59
CA ALA A 452 20.35 -0.48 14.10
C ALA A 452 21.01 0.49 15.08
N ALA A 453 21.64 1.53 14.52
CA ALA A 453 22.20 2.63 15.31
C ALA A 453 21.14 3.41 16.07
N ALA A 454 21.56 4.11 17.12
CA ALA A 454 20.61 4.85 17.95
C ALA A 454 21.27 5.97 18.73
N LEU A 455 20.42 6.89 19.17
CA LEU A 455 20.83 8.07 19.91
C LEU A 455 20.07 8.06 21.22
N LEU A 456 20.81 8.27 22.31
CA LEU A 456 20.26 8.35 23.66
C LEU A 456 20.24 9.81 24.09
N ILE A 457 19.04 10.34 24.32
CA ILE A 457 18.83 11.74 24.75
C ILE A 457 18.07 11.77 26.07
N CYS A 458 17.93 12.96 26.63
CA CYS A 458 17.16 13.16 27.86
C CYS A 458 16.53 14.55 27.89
N LEU A 459 15.20 14.59 27.84
CA LEU A 459 14.44 15.84 28.01
C LEU A 459 14.36 16.14 29.50
N PRO A 460 14.72 17.37 29.91
CA PRO A 460 14.80 17.66 31.34
C PRO A 460 13.42 17.88 31.99
N GLU A 461 13.39 17.82 33.33
CA GLU A 461 12.16 18.03 34.08
C GLU A 461 11.84 19.53 34.13
N VAL A 462 10.79 19.91 33.41
CA VAL A 462 10.36 21.30 33.32
C VAL A 462 9.70 21.81 34.61
N ALA A 463 8.99 20.93 35.31
CA ALA A 463 8.30 21.27 36.56
C ALA A 463 8.08 20.01 37.41
N PRO A 464 7.82 20.16 38.74
CA PRO A 464 7.58 18.99 39.61
C PRO A 464 6.40 18.12 39.14
N HIS A 465 5.24 18.76 38.94
CA HIS A 465 4.08 18.10 38.36
C HIS A 465 4.18 18.15 36.83
N PRO A 466 3.69 17.11 36.14
CA PRO A 466 3.79 17.10 34.67
C PRO A 466 2.91 18.17 34.01
N VAL A 467 3.25 18.52 32.77
CA VAL A 467 2.56 19.57 32.01
C VAL A 467 1.94 19.00 30.73
N TYR A 468 0.72 19.47 30.43
CA TYR A 468 0.02 19.12 29.18
C TYR A 468 -0.16 20.38 28.34
N TYR A 469 -0.40 20.19 27.05
CA TYR A 469 -0.75 21.29 26.14
C TYR A 469 -2.20 21.70 26.44
N PRO A 470 -2.52 23.00 26.39
CA PRO A 470 -3.85 23.39 26.87
C PRO A 470 -4.99 22.84 26.05
N ALA A 471 -6.14 22.69 26.68
CA ALA A 471 -7.33 22.13 26.03
C ALA A 471 -7.98 23.20 25.15
N LEU A 472 -8.81 22.74 24.21
CA LEU A 472 -9.59 23.60 23.30
C LEU A 472 -10.25 24.81 23.97
N GLU A 473 -10.80 24.59 25.17
CA GLU A 473 -11.41 25.66 25.94
C GLU A 473 -10.39 26.75 26.32
N LYS A 474 -9.22 26.33 26.78
CA LYS A 474 -8.15 27.25 27.18
C LYS A 474 -7.42 27.91 25.98
N ILE A 475 -7.50 27.29 24.80
CA ILE A 475 -7.00 27.89 23.56
C ILE A 475 -7.97 28.95 23.05
N LEU A 476 -9.27 28.63 23.07
CA LEU A 476 -10.33 29.57 22.70
C LEU A 476 -10.42 30.81 23.62
N GLU A 477 -9.94 30.69 24.86
CA GLU A 477 -9.92 31.81 25.81
C GLU A 477 -9.01 32.93 25.30
N LEU A 478 -7.76 32.58 25.02
CA LEU A 478 -6.78 33.53 24.45
C LEU A 478 -7.08 33.91 23.00
N GLY A 479 -7.78 33.04 22.28
CA GLY A 479 -8.10 33.26 20.88
C GLY A 479 -9.08 34.40 20.56
N ARG A 480 -9.99 34.69 21.49
CA ARG A 480 -10.97 35.78 21.31
C ARG A 480 -10.34 37.16 21.12
N HIS A 481 -9.16 37.38 21.72
CA HIS A 481 -8.46 38.65 21.65
C HIS A 481 -7.72 38.80 20.33
N GLU A 489 -11.40 49.79 1.29
CA GLU A 489 -10.15 49.78 2.04
C GLU A 489 -8.94 49.47 1.15
N GLU A 490 -7.82 50.12 1.45
CA GLU A 490 -6.52 49.84 0.82
C GLU A 490 -6.02 48.43 1.17
N GLU A 491 -6.36 47.97 2.38
CA GLU A 491 -6.07 46.60 2.79
C GLU A 491 -6.86 45.57 1.98
N GLN A 492 -8.11 45.90 1.64
CA GLN A 492 -9.00 45.00 0.90
C GLN A 492 -8.57 44.76 -0.55
N LEU A 493 -7.94 45.76 -1.16
CA LEU A 493 -7.37 45.63 -2.51
C LEU A 493 -6.10 44.77 -2.50
N GLN A 494 -5.18 45.13 -1.59
CA GLN A 494 -3.89 44.44 -1.43
C GLN A 494 -4.02 42.95 -1.10
N LEU A 495 -4.98 42.63 -0.22
CA LEU A 495 -5.23 41.25 0.20
C LEU A 495 -5.78 40.40 -0.95
N ARG A 496 -6.86 40.89 -1.56
CA ARG A 496 -7.50 40.21 -2.71
C ARG A 496 -6.46 39.77 -3.73
N GLU A 497 -5.69 40.73 -4.22
CA GLU A 497 -4.61 40.51 -5.20
C GLU A 497 -3.72 39.30 -4.86
N ILE A 498 -3.32 39.21 -3.59
CA ILE A 498 -2.43 38.14 -3.12
C ILE A 498 -3.12 36.78 -3.17
N LEU A 499 -4.38 36.73 -2.73
CA LEU A 499 -5.15 35.47 -2.70
C LEU A 499 -5.76 35.11 -4.08
N GLU A 500 -5.99 36.14 -4.91
CA GLU A 500 -6.47 35.98 -6.30
C GLU A 500 -5.53 35.21 -7.24
N ARG A 501 -4.24 35.22 -6.93
CA ARG A 501 -3.25 34.37 -7.63
C ARG A 501 -2.88 33.15 -6.78
N TYR A 508 6.19 34.85 1.22
CA TYR A 508 6.34 36.25 0.80
C TYR A 508 6.27 37.19 2.01
N GLU A 509 7.43 37.49 2.60
CA GLU A 509 7.52 38.09 3.95
C GLU A 509 6.64 39.32 4.19
N HIS A 510 6.62 40.22 3.22
CA HIS A 510 5.74 41.40 3.28
C HIS A 510 4.28 40.96 3.25
N GLU A 511 3.96 40.08 2.32
CA GLU A 511 2.59 39.61 2.11
C GLU A 511 2.04 38.75 3.26
N LYS A 512 2.91 37.98 3.93
CA LYS A 512 2.50 37.15 5.05
C LYS A 512 1.91 37.98 6.20
N ASP A 513 2.61 39.05 6.60
CA ASP A 513 2.13 39.94 7.65
C ASP A 513 0.82 40.66 7.30
N LEU A 514 0.61 40.94 6.02
CA LEU A 514 -0.66 41.52 5.56
C LEU A 514 -1.81 40.55 5.76
N VAL A 515 -1.59 39.33 5.29
CA VAL A 515 -2.57 38.25 5.44
C VAL A 515 -2.88 38.04 6.92
N TRP A 516 -1.84 38.04 7.75
CA TRP A 516 -1.99 37.80 9.20
C TRP A 516 -2.80 38.87 9.90
N LYS A 517 -2.48 40.13 9.62
CA LYS A 517 -3.24 41.27 10.12
C LYS A 517 -4.72 41.16 9.72
N LEU A 518 -4.96 40.85 8.45
CA LEU A 518 -6.32 40.75 7.89
C LEU A 518 -6.90 39.33 7.95
N ARG A 519 -6.42 38.53 8.90
CA ARG A 519 -6.81 37.12 9.00
C ARG A 519 -8.31 36.90 9.25
N HIS A 520 -8.98 37.88 9.87
CA HIS A 520 -10.43 37.80 10.05
C HIS A 520 -11.21 38.05 8.76
N GLU A 521 -10.72 38.97 7.93
CA GLU A 521 -11.31 39.22 6.61
C GLU A 521 -11.14 38.01 5.68
N VAL A 522 -10.05 37.27 5.85
CA VAL A 522 -9.84 36.02 5.11
C VAL A 522 -10.93 35.00 5.43
N GLN A 523 -11.31 34.90 6.71
CA GLN A 523 -12.36 33.97 7.15
C GLN A 523 -13.73 34.29 6.53
N GLU A 524 -14.08 35.57 6.50
CA GLU A 524 -15.39 36.03 6.02
C GLU A 524 -15.49 36.00 4.49
N HIS A 525 -14.45 36.49 3.82
CA HIS A 525 -14.47 36.72 2.37
C HIS A 525 -13.63 35.79 1.48
N PHE A 526 -12.67 35.09 2.07
CA PHE A 526 -11.77 34.20 1.32
C PHE A 526 -11.65 32.84 2.01
N PRO A 527 -12.80 32.16 2.20
CA PRO A 527 -12.79 30.91 2.96
C PRO A 527 -11.86 29.84 2.38
N GLU A 528 -11.78 29.76 1.05
CA GLU A 528 -10.92 28.75 0.39
C GLU A 528 -9.41 28.98 0.57
N ALA A 529 -9.00 30.19 0.91
CA ALA A 529 -7.59 30.51 1.16
C ALA A 529 -7.13 30.23 2.60
N LEU A 530 -7.63 29.16 3.19
CA LEU A 530 -7.30 28.81 4.58
C LEU A 530 -5.87 28.30 4.67
N ALA A 531 -5.51 27.41 3.75
CA ALA A 531 -4.14 26.88 3.65
C ALA A 531 -3.10 27.98 3.68
N ARG A 532 -3.25 28.97 2.81
CA ARG A 532 -2.33 30.11 2.76
C ARG A 532 -2.19 30.76 4.13
N LEU A 533 -3.33 31.01 4.78
CA LEU A 533 -3.35 31.62 6.11
C LEU A 533 -2.61 30.79 7.16
N LEU A 534 -2.71 29.47 7.07
CA LEU A 534 -1.99 28.60 8.01
C LEU A 534 -0.48 28.67 7.81
N LEU A 535 -0.04 28.69 6.56
CA LEU A 535 1.39 28.77 6.23
C LEU A 535 2.02 30.13 6.54
N VAL A 536 1.19 31.17 6.62
CA VAL A 536 1.67 32.50 7.03
C VAL A 536 1.72 32.66 8.56
N THR A 537 0.95 31.83 9.28
CA THR A 537 0.92 31.87 10.76
C THR A 537 2.29 31.55 11.35
N LYS A 538 2.70 32.34 12.34
CA LYS A 538 3.97 32.11 13.06
C LYS A 538 3.74 31.06 14.15
N TRP A 539 3.96 29.80 13.79
CA TRP A 539 3.72 28.66 14.69
C TRP A 539 4.71 28.57 15.85
N ASN A 540 5.87 29.21 15.71
CA ASN A 540 6.84 29.35 16.81
C ASN A 540 6.35 30.27 17.95
N LYS A 541 5.57 31.30 17.61
CA LYS A 541 4.91 32.15 18.62
C LYS A 541 3.59 31.51 19.07
N HIS A 542 3.50 31.16 20.35
CA HIS A 542 2.30 30.47 20.89
C HIS A 542 1.08 31.37 21.02
N GLU A 543 1.29 32.68 21.12
CA GLU A 543 0.19 33.64 21.10
C GLU A 543 -0.55 33.57 19.75
N ASP A 544 0.22 33.62 18.67
CA ASP A 544 -0.31 33.53 17.31
C ASP A 544 -1.09 32.24 17.09
N VAL A 545 -0.55 31.14 17.59
CA VAL A 545 -1.14 29.81 17.42
C VAL A 545 -2.55 29.74 18.03
N ALA A 546 -2.73 30.38 19.18
CA ALA A 546 -4.05 30.50 19.80
C ALA A 546 -5.03 31.20 18.86
N GLN A 547 -4.60 32.35 18.35
CA GLN A 547 -5.43 33.19 17.48
C GLN A 547 -5.86 32.52 16.18
N MET A 548 -4.97 31.72 15.60
CA MET A 548 -5.27 30.99 14.36
C MET A 548 -6.26 29.86 14.57
N LEU A 549 -6.05 29.09 15.64
CA LEU A 549 -6.98 28.01 16.01
C LEU A 549 -8.39 28.52 16.31
N TYR A 550 -8.48 29.69 16.96
CA TYR A 550 -9.76 30.35 17.24
C TYR A 550 -10.59 30.53 15.98
N LEU A 551 -9.94 30.98 14.91
CA LEU A 551 -10.59 31.14 13.63
C LEU A 551 -10.98 29.78 13.06
N LEU A 552 -10.05 28.83 13.14
CA LEU A 552 -10.23 27.51 12.53
C LEU A 552 -11.45 26.73 13.07
N CYS A 553 -11.64 26.81 14.39
CA CYS A 553 -12.76 26.15 15.05
C CYS A 553 -14.14 26.75 14.74
N SER A 554 -14.17 27.89 14.08
CA SER A 554 -15.40 28.44 13.52
C SER A 554 -15.20 28.83 12.04
N TRP A 555 -14.33 28.08 11.36
CA TRP A 555 -14.09 28.29 9.93
C TRP A 555 -15.19 27.57 9.17
N PRO A 556 -15.70 28.18 8.07
CA PRO A 556 -16.80 27.53 7.34
C PRO A 556 -16.35 26.32 6.54
N GLU A 557 -17.27 25.38 6.35
CA GLU A 557 -16.95 24.09 5.73
C GLU A 557 -16.57 24.28 4.25
N LEU A 558 -15.38 23.82 3.91
CA LEU A 558 -14.83 23.97 2.56
C LEU A 558 -15.16 22.75 1.70
N PRO A 559 -15.05 22.89 0.35
CA PRO A 559 -15.33 21.73 -0.52
C PRO A 559 -14.26 20.66 -0.39
N VAL A 560 -14.57 19.45 -0.87
CA VAL A 560 -13.60 18.34 -0.84
C VAL A 560 -12.24 18.77 -1.38
N LEU A 561 -12.25 19.51 -2.48
CA LEU A 561 -11.03 19.92 -3.15
C LEU A 561 -10.07 20.64 -2.20
N SER A 562 -10.61 21.52 -1.36
CA SER A 562 -9.77 22.26 -0.41
C SER A 562 -9.22 21.36 0.69
N ALA A 563 -10.08 20.46 1.18
CA ALA A 563 -9.72 19.51 2.25
C ALA A 563 -8.57 18.58 1.86
N LEU A 564 -8.55 18.18 0.60
CA LEU A 564 -7.49 17.31 0.11
C LEU A 564 -6.12 17.98 0.25
N GLU A 565 -6.05 19.27 -0.07
CA GLU A 565 -4.83 20.06 0.15
C GLU A 565 -4.45 20.10 1.61
N LEU A 566 -5.43 20.14 2.50
CA LEU A 566 -5.18 20.30 3.92
C LEU A 566 -4.62 19.06 4.62
N LEU A 567 -4.73 17.88 4.00
CA LEU A 567 -4.14 16.65 4.57
C LEU A 567 -2.63 16.54 4.39
N ASP A 568 -2.04 17.42 3.57
CA ASP A 568 -0.60 17.43 3.29
C ASP A 568 0.25 17.68 4.55
N PHE A 569 1.52 17.27 4.50
CA PHE A 569 2.47 17.39 5.61
C PHE A 569 2.74 18.82 6.10
N SER A 570 2.56 19.80 5.20
CA SER A 570 2.60 21.23 5.55
C SER A 570 1.65 21.63 6.69
N PHE A 571 0.58 20.86 6.88
CA PHE A 571 -0.46 21.18 7.84
C PHE A 571 -0.57 20.09 8.90
N PRO A 572 0.45 19.98 9.78
CA PRO A 572 0.52 18.86 10.74
C PRO A 572 -0.44 18.93 11.93
N ASP A 573 -0.87 20.13 12.32
CA ASP A 573 -1.73 20.32 13.49
C ASP A 573 -2.99 19.43 13.47
N CYS A 574 -3.38 18.92 14.63
CA CYS A 574 -4.54 18.01 14.72
C CYS A 574 -5.85 18.73 14.40
N HIS A 575 -5.90 20.03 14.69
CA HIS A 575 -7.08 20.84 14.40
C HIS A 575 -7.27 21.06 12.91
N VAL A 576 -6.19 21.12 12.16
CA VAL A 576 -6.28 21.23 10.71
C VAL A 576 -6.79 19.92 10.11
N GLY A 577 -6.10 18.83 10.45
CA GLY A 577 -6.47 17.51 10.00
C GLY A 577 -7.91 17.18 10.31
N SER A 578 -8.36 17.56 11.51
CA SER A 578 -9.73 17.31 11.92
C SER A 578 -10.71 18.05 11.05
N PHE A 579 -10.42 19.32 10.77
CA PHE A 579 -11.20 20.11 9.81
C PHE A 579 -11.19 19.50 8.41
N ALA A 580 -10.01 19.02 7.99
CA ALA A 580 -9.84 18.34 6.70
C ALA A 580 -10.80 17.15 6.58
N ILE A 581 -10.73 16.24 7.55
CA ILE A 581 -11.61 15.07 7.60
C ILE A 581 -13.08 15.47 7.71
N LYS A 582 -13.36 16.52 8.47
CA LYS A 582 -14.73 17.01 8.63
C LYS A 582 -15.36 17.39 7.30
N SER A 583 -14.60 18.10 6.47
CA SER A 583 -15.03 18.43 5.09
C SER A 583 -15.05 17.24 4.12
N LEU A 584 -14.30 16.19 4.43
CA LEU A 584 -14.31 14.96 3.65
C LEU A 584 -15.43 13.98 3.98
N ARG A 585 -16.26 14.27 4.97
CA ARG A 585 -17.37 13.36 5.32
C ARG A 585 -18.55 13.40 4.35
N LYS A 586 -18.66 14.49 3.59
CA LYS A 586 -19.65 14.58 2.52
C LYS A 586 -19.36 13.64 1.35
N LEU A 587 -18.16 13.07 1.30
CA LEU A 587 -17.76 12.10 0.28
C LEU A 587 -18.69 10.90 0.15
N THR A 588 -19.01 10.56 -1.09
CA THR A 588 -19.66 9.31 -1.44
C THR A 588 -18.59 8.23 -1.56
N ASP A 589 -19.04 6.99 -1.57
CA ASP A 589 -18.16 5.84 -1.59
C ASP A 589 -17.48 5.71 -2.93
N ASP A 590 -18.19 6.04 -4.00
CA ASP A 590 -17.60 6.09 -5.35
C ASP A 590 -16.47 7.13 -5.43
N GLU A 591 -16.72 8.31 -4.90
CA GLU A 591 -15.72 9.38 -4.92
C GLU A 591 -14.56 9.10 -3.96
N LEU A 592 -14.89 8.65 -2.75
CA LEU A 592 -13.89 8.26 -1.76
C LEU A 592 -12.94 7.22 -2.28
N PHE A 593 -13.48 6.25 -3.01
CA PHE A 593 -12.69 5.19 -3.61
C PHE A 593 -11.70 5.70 -4.65
N GLN A 594 -12.09 6.78 -5.34
CA GLN A 594 -11.25 7.45 -6.31
C GLN A 594 -9.98 8.05 -5.69
N TYR A 595 -10.07 8.39 -4.39
CA TYR A 595 -8.95 8.94 -3.63
C TYR A 595 -8.42 8.02 -2.55
N LEU A 596 -8.80 6.75 -2.52
CA LEU A 596 -8.47 5.91 -1.37
C LEU A 596 -6.96 5.70 -1.24
N LEU A 597 -6.30 5.49 -2.36
CA LEU A 597 -4.85 5.33 -2.39
C LEU A 597 -4.14 6.50 -1.72
N GLN A 598 -4.60 7.72 -2.03
CA GLN A 598 -3.95 8.91 -1.50
C GLN A 598 -4.17 9.04 0.01
N LEU A 599 -5.40 8.79 0.46
CA LEU A 599 -5.73 8.82 1.89
C LEU A 599 -4.92 7.82 2.72
N VAL A 600 -4.62 6.65 2.16
CA VAL A 600 -3.75 5.69 2.83
C VAL A 600 -2.32 6.23 2.97
N GLN A 601 -1.79 6.85 1.92
CA GLN A 601 -0.39 7.36 1.97
C GLN A 601 -0.20 8.46 3.01
N VAL A 602 -1.22 9.31 3.18
CA VAL A 602 -1.22 10.41 4.16
C VAL A 602 -1.06 9.92 5.61
N LEU A 603 -1.45 8.68 5.90
CA LEU A 603 -1.22 8.10 7.21
C LEU A 603 0.27 8.09 7.60
N LYS A 604 1.14 8.03 6.60
CA LYS A 604 2.59 8.07 6.84
C LYS A 604 3.09 9.43 7.33
N TYR A 605 2.28 10.47 7.20
CA TYR A 605 2.60 11.79 7.73
C TYR A 605 2.10 11.97 9.15
N GLU A 606 1.17 11.13 9.57
CA GLU A 606 0.53 11.24 10.90
C GLU A 606 1.56 11.09 12.01
N SER A 607 1.36 11.84 13.07
CA SER A 607 2.28 11.87 14.17
C SER A 607 1.98 10.70 15.14
N TYR A 608 0.72 10.62 15.53
CA TYR A 608 0.22 9.63 16.49
C TYR A 608 -0.60 8.56 15.77
N LEU A 609 -0.79 7.42 16.42
CA LEU A 609 -1.52 6.29 15.82
C LEU A 609 -3.00 6.55 15.80
N ASP A 610 -3.54 6.92 16.96
CA ASP A 610 -4.94 7.26 17.10
C ASP A 610 -5.09 8.65 16.49
N CYS A 611 -5.70 8.70 15.31
CA CYS A 611 -5.97 9.96 14.63
C CYS A 611 -7.29 9.92 13.89
N GLU A 612 -7.74 11.09 13.47
CA GLU A 612 -8.97 11.26 12.70
C GLU A 612 -8.97 10.49 11.38
N LEU A 613 -7.88 10.59 10.62
CA LEU A 613 -7.79 9.92 9.31
C LEU A 613 -7.93 8.40 9.41
N THR A 614 -7.29 7.79 10.41
CA THR A 614 -7.48 6.35 10.66
C THR A 614 -8.94 6.04 11.04
N LYS A 615 -9.51 6.88 11.91
CA LYS A 615 -10.89 6.69 12.33
C LYS A 615 -11.85 6.75 11.16
N PHE A 616 -11.60 7.68 10.25
CA PHE A 616 -12.43 7.93 9.09
C PHE A 616 -12.35 6.78 8.11
N LEU A 617 -11.13 6.36 7.80
CA LEU A 617 -10.90 5.25 6.87
C LEU A 617 -11.54 3.97 7.39
N LEU A 618 -11.39 3.71 8.68
CA LEU A 618 -12.00 2.55 9.30
C LEU A 618 -13.52 2.68 9.31
N ASP A 619 -14.03 3.86 9.66
CA ASP A 619 -15.48 4.15 9.57
C ASP A 619 -16.06 3.71 8.24
N ARG A 620 -15.47 4.19 7.16
CA ARG A 620 -15.98 3.94 5.81
C ARG A 620 -15.76 2.51 5.38
N ALA A 621 -14.62 1.94 5.78
CA ALA A 621 -14.28 0.53 5.46
C ALA A 621 -15.25 -0.46 6.08
N LEU A 622 -15.82 -0.12 7.23
CA LEU A 622 -16.81 -0.94 7.88
C LEU A 622 -18.20 -0.72 7.27
N ALA A 623 -18.45 0.47 6.72
CA ALA A 623 -19.73 0.78 6.07
C ALA A 623 -19.82 0.23 4.64
N ASN A 624 -18.67 0.04 3.98
CA ASN A 624 -18.59 -0.42 2.60
C ASN A 624 -17.48 -1.47 2.45
N ARG A 625 -17.87 -2.67 2.05
CA ARG A 625 -16.95 -3.81 1.93
C ARG A 625 -15.92 -3.65 0.80
N LYS A 626 -16.34 -3.07 -0.32
CA LYS A 626 -15.40 -2.73 -1.42
C LYS A 626 -14.29 -1.80 -0.94
N ILE A 627 -14.66 -0.76 -0.20
CA ILE A 627 -13.69 0.15 0.38
C ILE A 627 -12.78 -0.64 1.32
N GLY A 628 -13.38 -1.37 2.25
CA GLY A 628 -12.64 -2.26 3.14
C GLY A 628 -11.66 -3.18 2.42
N HIS A 629 -12.09 -3.74 1.30
CA HIS A 629 -11.24 -4.63 0.52
C HIS A 629 -9.94 -3.95 0.09
N PHE A 630 -10.06 -2.80 -0.55
CA PHE A 630 -8.89 -2.10 -1.05
C PHE A 630 -8.13 -1.37 0.06
N LEU A 631 -8.81 -0.97 1.12
CA LEU A 631 -8.09 -0.48 2.30
C LEU A 631 -7.13 -1.57 2.79
N PHE A 632 -7.68 -2.76 2.97
CA PHE A 632 -6.90 -3.91 3.43
C PHE A 632 -5.67 -4.12 2.58
N TRP A 633 -5.85 -4.22 1.26
CA TRP A 633 -4.72 -4.56 0.37
C TRP A 633 -3.68 -3.47 0.29
N HIS A 634 -4.10 -2.20 0.26
CA HIS A 634 -3.16 -1.11 0.29
C HIS A 634 -2.27 -1.21 1.51
N LEU A 635 -2.88 -1.40 2.67
CA LEU A 635 -2.15 -1.53 3.92
C LEU A 635 -1.33 -2.82 3.99
N ARG A 636 -1.91 -3.93 3.52
CA ARG A 636 -1.26 -5.23 3.60
C ARG A 636 0.02 -5.28 2.80
N SER A 637 -0.07 -4.73 1.59
CA SER A 637 1.06 -4.68 0.65
C SER A 637 2.25 -3.82 1.09
N GLU A 638 2.17 -3.12 2.21
CA GLU A 638 3.33 -2.42 2.77
C GLU A 638 3.73 -2.90 4.17
N MET A 639 3.22 -4.04 4.59
CA MET A 639 3.57 -4.62 5.89
C MET A 639 5.03 -5.06 5.96
N HIS A 640 5.68 -5.23 4.81
CA HIS A 640 7.11 -5.48 4.74
C HIS A 640 7.95 -4.24 5.08
N VAL A 641 7.38 -3.06 4.91
CA VAL A 641 8.11 -1.80 5.03
C VAL A 641 8.21 -1.40 6.50
N PRO A 642 9.42 -1.46 7.08
CA PRO A 642 9.57 -1.21 8.51
C PRO A 642 8.92 0.06 9.02
N SER A 643 8.99 1.13 8.23
CA SER A 643 8.55 2.44 8.70
C SER A 643 7.03 2.58 8.87
N VAL A 644 6.25 1.71 8.22
CA VAL A 644 4.78 1.68 8.40
C VAL A 644 4.19 0.39 8.97
N ALA A 645 4.99 -0.66 9.07
CA ALA A 645 4.52 -1.99 9.51
C ALA A 645 3.71 -1.98 10.81
N LEU A 646 4.11 -1.14 11.76
CA LEU A 646 3.42 -1.04 13.04
C LEU A 646 2.09 -0.36 12.87
N ARG A 647 2.12 0.88 12.36
CA ARG A 647 0.91 1.67 12.15
C ARG A 647 -0.13 0.93 11.30
N PHE A 648 0.32 0.35 10.20
CA PHE A 648 -0.54 -0.39 9.30
C PHE A 648 -1.04 -1.68 9.91
N GLY A 649 -0.18 -2.36 10.67
CA GLY A 649 -0.55 -3.57 11.37
C GLY A 649 -1.76 -3.41 12.27
N LEU A 650 -1.76 -2.33 13.04
CA LEU A 650 -2.85 -2.07 13.98
C LEU A 650 -4.19 -1.74 13.28
N ILE A 651 -4.13 -1.09 12.12
CA ILE A 651 -5.33 -0.80 11.34
C ILE A 651 -5.88 -2.09 10.75
N LEU A 652 -5.03 -2.89 10.13
CA LEU A 652 -5.44 -4.18 9.60
C LEU A 652 -6.13 -5.06 10.67
N GLU A 653 -5.63 -5.01 11.90
CA GLU A 653 -6.22 -5.72 13.04
C GLU A 653 -7.64 -5.23 13.30
N ALA A 654 -7.78 -3.91 13.45
CA ALA A 654 -9.05 -3.28 13.74
C ALA A 654 -10.12 -3.61 12.68
N TYR A 655 -9.75 -3.47 11.41
CA TYR A 655 -10.64 -3.82 10.29
C TYR A 655 -11.10 -5.26 10.36
N CYS A 656 -10.14 -6.16 10.59
CA CYS A 656 -10.42 -7.60 10.71
C CYS A 656 -11.38 -7.93 11.84
N ARG A 657 -11.28 -7.21 12.96
CA ARG A 657 -12.19 -7.42 14.09
C ARG A 657 -13.62 -6.96 13.80
N GLY A 658 -13.75 -5.90 13.02
CA GLY A 658 -15.05 -5.40 12.58
C GLY A 658 -15.58 -6.08 11.32
N SER A 659 -14.77 -6.95 10.72
CA SER A 659 -15.11 -7.62 9.47
C SER A 659 -14.64 -9.08 9.52
N THR A 660 -15.26 -9.86 10.40
CA THR A 660 -14.92 -11.29 10.51
C THR A 660 -15.33 -12.06 9.26
N HIS A 661 -16.45 -11.69 8.63
CA HIS A 661 -16.90 -12.36 7.40
C HIS A 661 -15.89 -12.15 6.30
N HIS A 662 -15.60 -10.90 5.99
CA HIS A 662 -14.69 -10.58 4.89
C HIS A 662 -13.27 -11.06 5.16
N MET A 663 -12.91 -11.16 6.43
CA MET A 663 -11.64 -11.77 6.86
C MET A 663 -11.42 -13.19 6.33
N LYS A 664 -12.50 -13.96 6.17
CA LYS A 664 -12.43 -15.31 5.58
C LYS A 664 -12.12 -15.26 4.08
N VAL A 665 -12.68 -14.27 3.40
CA VAL A 665 -12.43 -14.09 1.96
C VAL A 665 -10.99 -13.64 1.73
N LEU A 666 -10.51 -12.68 2.51
CA LEU A 666 -9.15 -12.16 2.38
C LEU A 666 -8.08 -13.21 2.70
N MET A 667 -8.36 -14.12 3.65
CA MET A 667 -7.45 -15.24 3.91
C MET A 667 -7.30 -16.13 2.68
N LYS A 668 -8.42 -16.51 2.10
CA LYS A 668 -8.43 -17.39 0.94
C LYS A 668 -7.61 -16.80 -0.20
N GLN A 669 -7.71 -15.48 -0.37
CA GLN A 669 -6.90 -14.73 -1.35
C GLN A 669 -5.41 -14.78 -1.02
N GLY A 670 -5.08 -14.50 0.23
CA GLY A 670 -3.70 -14.49 0.70
C GLY A 670 -2.98 -15.81 0.46
N GLU A 671 -3.72 -16.90 0.59
CA GLU A 671 -3.17 -18.22 0.37
C GLU A 671 -2.95 -18.52 -1.10
N ALA A 672 -3.89 -18.09 -1.94
CA ALA A 672 -3.70 -18.09 -3.38
C ALA A 672 -2.40 -17.38 -3.74
N LEU A 673 -2.25 -16.17 -3.21
CA LEU A 673 -1.05 -15.34 -3.45
C LEU A 673 0.25 -15.92 -2.88
N SER A 674 0.13 -16.78 -1.86
CA SER A 674 1.28 -17.42 -1.25
C SER A 674 1.76 -18.61 -2.04
N LYS A 675 0.82 -19.39 -2.57
CA LYS A 675 1.11 -20.51 -3.46
C LYS A 675 1.67 -20.02 -4.78
N LEU A 676 1.09 -18.94 -5.32
CA LEU A 676 1.56 -18.32 -6.55
C LEU A 676 3.03 -17.87 -6.47
N LYS A 677 3.41 -17.23 -5.36
CA LYS A 677 4.80 -16.82 -5.15
C LYS A 677 5.70 -18.03 -5.25
N ALA A 678 5.38 -19.04 -4.46
CA ALA A 678 6.09 -20.32 -4.47
C ALA A 678 6.12 -20.97 -5.87
N LEU A 679 5.02 -20.87 -6.60
CA LEU A 679 4.94 -21.36 -7.97
C LEU A 679 5.84 -20.54 -8.89
N ASN A 680 5.80 -19.22 -8.75
CA ASN A 680 6.61 -18.33 -9.57
C ASN A 680 8.11 -18.55 -9.33
N ASP A 681 8.49 -18.75 -8.07
CA ASP A 681 9.90 -19.03 -7.72
C ASP A 681 10.43 -20.28 -8.41
N PHE A 682 9.61 -21.33 -8.47
CA PHE A 682 9.95 -22.56 -9.18
C PHE A 682 10.19 -22.31 -10.67
N VAL A 683 9.24 -21.64 -11.30
CA VAL A 683 9.32 -21.30 -12.73
C VAL A 683 10.53 -20.41 -13.05
N LYS A 684 10.82 -19.44 -12.19
CA LYS A 684 12.03 -18.62 -12.33
C LYS A 684 13.31 -19.47 -12.37
N LEU A 685 13.41 -20.43 -11.45
CA LEU A 685 14.57 -21.29 -11.33
C LEU A 685 14.67 -22.31 -12.46
N SER A 686 13.52 -22.89 -12.86
CA SER A 686 13.48 -23.89 -13.94
C SER A 686 13.82 -23.32 -15.32
N SER A 687 13.35 -22.11 -15.61
CA SER A 687 13.64 -21.41 -16.87
C SER A 687 15.13 -21.31 -17.17
N GLN A 688 15.92 -21.04 -16.14
CA GLN A 688 17.38 -21.00 -16.25
C GLN A 688 17.97 -22.39 -16.53
N LYS A 689 17.44 -23.40 -15.87
CA LYS A 689 17.88 -24.80 -16.05
C LYS A 689 17.41 -25.40 -17.38
N THR A 690 16.09 -25.45 -17.56
CA THR A 690 15.44 -26.17 -18.66
C THR A 690 14.71 -25.24 -19.65
N PRO A 691 14.31 -25.77 -20.83
CA PRO A 691 13.48 -24.97 -21.76
C PRO A 691 12.05 -24.75 -21.30
N LYS A 692 11.35 -23.87 -22.00
CA LYS A 692 10.00 -23.42 -21.62
C LYS A 692 8.94 -24.52 -21.60
N PRO A 693 8.84 -25.34 -22.67
CA PRO A 693 7.82 -26.41 -22.69
C PRO A 693 7.85 -27.35 -21.47
N GLN A 694 9.05 -27.82 -21.11
CA GLN A 694 9.24 -28.67 -19.93
C GLN A 694 8.96 -27.94 -18.62
N THR A 695 9.31 -26.66 -18.56
CA THR A 695 9.01 -25.82 -17.40
C THR A 695 7.49 -25.63 -17.24
N LYS A 696 6.81 -25.37 -18.35
CA LYS A 696 5.35 -25.25 -18.38
C LYS A 696 4.68 -26.56 -17.92
N GLU A 697 5.20 -27.70 -18.37
CA GLU A 697 4.73 -29.01 -17.92
C GLU A 697 4.94 -29.19 -16.41
N LEU A 698 6.15 -28.89 -15.93
CA LEU A 698 6.49 -28.99 -14.49
C LEU A 698 5.75 -27.95 -13.62
N MET A 699 5.35 -26.83 -14.24
CA MET A 699 4.49 -25.84 -13.58
C MET A 699 3.10 -26.40 -13.35
N HIS A 700 2.56 -27.11 -14.34
CA HIS A 700 1.24 -27.71 -14.22
C HIS A 700 1.21 -28.79 -13.15
N LEU A 701 2.20 -29.67 -13.15
CA LEU A 701 2.37 -30.70 -12.12
C LEU A 701 2.28 -30.13 -10.70
N CYS A 702 2.96 -29.03 -10.44
CA CYS A 702 2.89 -28.37 -9.15
C CYS A 702 1.46 -27.86 -8.86
N MET A 703 0.79 -27.34 -9.88
CA MET A 703 -0.60 -26.88 -9.76
C MET A 703 -1.61 -28.02 -9.60
N ARG A 704 -1.30 -29.20 -10.13
CA ARG A 704 -2.21 -30.37 -10.03
C ARG A 704 -2.35 -30.86 -8.60
N GLN A 705 -1.35 -30.58 -7.77
CA GLN A 705 -1.32 -31.00 -6.37
C GLN A 705 -2.53 -30.50 -5.59
N GLU A 706 -3.03 -31.36 -4.70
CA GLU A 706 -4.30 -31.17 -4.00
C GLU A 706 -4.33 -29.86 -3.20
N ALA A 707 -3.22 -29.60 -2.49
CA ALA A 707 -3.04 -28.38 -1.69
C ALA A 707 -2.95 -27.10 -2.54
N TYR A 708 -2.28 -27.20 -3.69
CA TYR A 708 -2.15 -26.07 -4.63
C TYR A 708 -3.47 -25.76 -5.32
N LEU A 709 -4.03 -26.76 -5.97
CA LEU A 709 -5.27 -26.63 -6.76
C LEU A 709 -6.40 -26.05 -5.93
N GLU A 710 -6.56 -26.53 -4.70
CA GLU A 710 -7.63 -26.07 -3.83
C GLU A 710 -7.41 -24.63 -3.36
N ALA A 711 -6.15 -24.27 -3.19
CA ALA A 711 -5.76 -22.94 -2.75
C ALA A 711 -5.97 -21.90 -3.85
N LEU A 712 -5.59 -22.26 -5.07
CA LEU A 712 -5.74 -21.39 -6.24
C LEU A 712 -7.18 -21.35 -6.77
N SER A 713 -8.00 -22.35 -6.45
CA SER A 713 -9.37 -22.41 -6.93
C SER A 713 -10.35 -21.76 -5.96
N HIS A 714 -11.42 -21.19 -6.51
CA HIS A 714 -12.60 -20.72 -5.76
C HIS A 714 -12.30 -19.68 -4.70
N LEU A 715 -12.21 -18.45 -5.17
CA LEU A 715 -11.92 -17.30 -4.33
C LEU A 715 -12.41 -16.06 -5.04
N GLN A 716 -12.70 -15.01 -4.29
CA GLN A 716 -12.96 -13.70 -4.87
C GLN A 716 -11.64 -13.10 -5.34
N SER A 717 -11.67 -12.44 -6.49
CA SER A 717 -10.45 -11.85 -7.06
C SER A 717 -9.99 -10.68 -6.22
N PRO A 718 -8.69 -10.62 -5.87
CA PRO A 718 -8.15 -9.42 -5.21
C PRO A 718 -8.34 -8.16 -6.05
N LEU A 719 -8.22 -8.29 -7.37
CA LEU A 719 -8.39 -7.18 -8.31
C LEU A 719 -9.82 -6.62 -8.36
N ASP A 720 -10.80 -7.46 -8.05
CA ASP A 720 -12.19 -7.06 -7.95
C ASP A 720 -12.94 -8.14 -7.18
N PRO A 721 -13.37 -7.83 -5.94
CA PRO A 721 -14.04 -8.84 -5.12
C PRO A 721 -15.41 -9.32 -5.64
N SER A 722 -16.07 -8.56 -6.51
CA SER A 722 -17.31 -9.05 -7.15
C SER A 722 -17.06 -10.15 -8.20
N THR A 723 -15.83 -10.23 -8.71
CA THR A 723 -15.42 -11.30 -9.63
C THR A 723 -15.11 -12.59 -8.88
N LEU A 724 -15.62 -13.70 -9.38
CA LEU A 724 -15.33 -15.03 -8.84
C LEU A 724 -14.30 -15.76 -9.71
N LEU A 725 -13.16 -16.10 -9.11
CA LEU A 725 -12.18 -17.00 -9.72
C LEU A 725 -12.52 -18.43 -9.26
N ALA A 726 -13.34 -19.13 -10.05
CA ALA A 726 -13.88 -20.44 -9.65
C ALA A 726 -12.87 -21.58 -9.83
N GLU A 727 -12.61 -21.98 -11.07
CA GLU A 727 -11.82 -23.17 -11.39
C GLU A 727 -10.61 -22.80 -12.24
N VAL A 728 -9.40 -23.16 -11.80
CA VAL A 728 -8.19 -22.91 -12.60
C VAL A 728 -8.09 -23.86 -13.79
N CYS A 729 -7.85 -23.31 -14.98
CA CYS A 729 -7.57 -24.09 -16.19
C CYS A 729 -6.08 -24.27 -16.28
N VAL A 730 -5.60 -25.42 -15.81
CA VAL A 730 -4.16 -25.66 -15.62
C VAL A 730 -3.41 -25.76 -16.97
N GLU A 731 -4.05 -26.34 -17.98
CA GLU A 731 -3.48 -26.38 -19.33
C GLU A 731 -3.31 -24.98 -19.93
N GLN A 732 -4.22 -24.06 -19.61
CA GLN A 732 -4.14 -22.67 -20.08
C GLN A 732 -3.18 -21.78 -19.28
N CYS A 733 -2.65 -22.28 -18.17
CA CYS A 733 -1.75 -21.51 -17.33
C CYS A 733 -0.32 -21.60 -17.79
N THR A 734 0.41 -20.48 -17.65
CA THR A 734 1.80 -20.40 -18.07
C THR A 734 2.43 -19.12 -17.50
N PHE A 735 3.59 -18.76 -18.05
CA PHE A 735 4.32 -17.54 -17.69
C PHE A 735 4.83 -16.86 -18.97
N MET A 736 5.68 -15.84 -18.85
CA MET A 736 5.83 -14.87 -19.94
C MET A 736 7.20 -14.44 -20.47
N ASP A 737 8.29 -15.12 -20.13
CA ASP A 737 9.62 -14.76 -20.67
C ASP A 737 10.11 -13.37 -20.29
N SER A 738 9.17 -12.52 -19.86
CA SER A 738 9.46 -11.17 -19.44
C SER A 738 10.51 -11.17 -18.34
N LYS A 739 10.87 -9.96 -17.93
CA LYS A 739 11.99 -9.74 -17.01
C LYS A 739 11.91 -10.57 -15.74
N MET A 740 10.76 -10.50 -15.06
CA MET A 740 10.54 -11.26 -13.82
C MET A 740 9.60 -12.47 -13.99
N LYS A 741 9.49 -12.98 -15.21
CA LYS A 741 8.70 -14.19 -15.53
C LYS A 741 7.34 -14.25 -14.81
N PRO A 742 6.44 -13.29 -15.09
CA PRO A 742 5.13 -13.28 -14.41
C PRO A 742 4.24 -14.43 -14.84
N LEU A 743 3.52 -15.01 -13.88
CA LEU A 743 2.62 -16.13 -14.14
C LEU A 743 1.33 -15.65 -14.80
N TRP A 744 0.84 -16.45 -15.73
CA TRP A 744 -0.38 -16.21 -16.47
C TRP A 744 -1.35 -17.30 -16.01
N ILE A 745 -2.35 -16.91 -15.23
CA ILE A 745 -3.30 -17.85 -14.62
C ILE A 745 -4.68 -17.61 -15.22
N MET A 746 -5.33 -18.68 -15.67
CA MET A 746 -6.64 -18.61 -16.33
C MET A 746 -7.73 -19.35 -15.56
N TYR A 747 -8.89 -18.69 -15.40
CA TYR A 747 -10.02 -19.23 -14.66
C TYR A 747 -11.29 -19.34 -15.50
N SER A 748 -12.26 -20.06 -14.96
CA SER A 748 -13.59 -20.17 -15.55
C SER A 748 -14.62 -20.67 -14.53
N ASN A 749 -15.88 -20.22 -14.68
CA ASN A 749 -17.00 -20.60 -13.79
C ASN A 749 -18.25 -21.06 -14.54
N GLU A 750 -18.71 -22.28 -14.22
CA GLU A 750 -19.92 -22.87 -14.84
C GLU A 750 -21.25 -22.24 -14.43
N GLU A 751 -21.24 -21.47 -13.32
CA GLU A 751 -22.39 -20.65 -12.92
C GLU A 751 -22.60 -19.40 -13.82
N ALA A 752 -21.50 -18.81 -14.30
CA ALA A 752 -21.57 -17.70 -15.27
C ALA A 752 -22.14 -18.17 -16.60
N GLY A 756 -17.56 -15.11 -18.57
CA GLY A 756 -17.18 -15.83 -17.34
C GLY A 756 -15.91 -16.65 -17.46
N SER A 757 -14.89 -16.04 -18.07
CA SER A 757 -13.58 -16.68 -18.25
C SER A 757 -12.49 -15.65 -17.96
N VAL A 758 -12.19 -15.49 -16.68
CA VAL A 758 -11.30 -14.42 -16.22
C VAL A 758 -9.86 -14.93 -16.22
N GLY A 759 -8.92 -14.01 -16.47
CA GLY A 759 -7.47 -14.30 -16.42
C GLY A 759 -6.76 -13.27 -15.55
N ILE A 760 -5.69 -13.71 -14.88
CA ILE A 760 -4.86 -12.81 -14.06
C ILE A 760 -3.39 -12.98 -14.40
N ILE A 761 -2.61 -11.96 -14.08
CA ILE A 761 -1.15 -12.03 -14.19
C ILE A 761 -0.62 -11.80 -12.78
N PHE A 762 0.02 -12.81 -12.22
CA PHE A 762 0.73 -12.67 -10.95
C PHE A 762 2.17 -12.27 -11.28
N LYS A 763 2.55 -11.05 -10.92
CA LYS A 763 3.90 -10.55 -11.17
C LYS A 763 4.62 -10.39 -9.84
N ASN A 764 5.75 -11.08 -9.69
CA ASN A 764 6.58 -10.99 -8.49
C ASN A 764 8.05 -10.73 -8.81
N GLY A 765 8.65 -9.78 -8.09
CA GLY A 765 10.05 -9.37 -8.28
C GLY A 765 10.19 -7.90 -8.67
N ASP A 766 9.07 -7.32 -9.09
CA ASP A 766 8.99 -5.97 -9.62
C ASP A 766 7.86 -5.23 -8.91
N ASP A 767 8.01 -3.92 -8.83
CA ASP A 767 7.08 -3.05 -8.12
C ASP A 767 5.95 -2.59 -9.06
N LEU A 768 4.70 -2.74 -8.63
CA LEU A 768 3.48 -2.41 -9.44
C LEU A 768 2.72 -1.17 -8.95
N ARG A 769 3.31 -0.45 -8.00
CA ARG A 769 2.65 0.69 -7.37
C ARG A 769 2.50 1.85 -8.35
N GLN A 770 3.55 2.05 -9.15
CA GLN A 770 3.61 3.05 -10.23
C GLN A 770 2.52 2.88 -11.30
N ASP A 771 2.33 1.66 -11.77
CA ASP A 771 1.24 1.34 -12.67
C ASP A 771 -0.13 1.63 -12.06
N MET A 772 -0.36 1.15 -10.84
CA MET A 772 -1.65 1.33 -10.19
C MET A 772 -2.07 2.79 -10.13
N LEU A 773 -1.14 3.65 -9.69
CA LEU A 773 -1.36 5.09 -9.59
C LEU A 773 -1.76 5.65 -10.94
N THR A 774 -1.03 5.25 -11.97
CA THR A 774 -1.28 5.71 -13.32
C THR A 774 -2.68 5.34 -13.75
N LEU A 775 -2.98 4.05 -13.65
CA LEU A 775 -4.31 3.52 -13.99
C LEU A 775 -5.42 4.18 -13.18
N GLN A 776 -5.17 4.41 -11.89
CA GLN A 776 -6.09 5.18 -11.05
C GLN A 776 -6.41 6.54 -11.68
N MET A 777 -5.39 7.21 -12.20
CA MET A 777 -5.54 8.55 -12.78
C MET A 777 -6.23 8.54 -14.15
N ILE A 778 -5.98 7.50 -14.92
CA ILE A 778 -6.69 7.28 -16.18
C ILE A 778 -8.16 7.01 -15.88
N GLN A 779 -8.42 6.17 -14.87
CA GLN A 779 -9.80 5.89 -14.41
C GLN A 779 -10.51 7.21 -14.06
N LEU A 780 -9.84 8.05 -13.28
CA LEU A 780 -10.39 9.35 -12.87
C LEU A 780 -10.70 10.24 -14.06
N MET A 781 -9.79 10.30 -15.03
CA MET A 781 -10.01 11.02 -16.29
C MET A 781 -11.27 10.50 -16.98
N ASP A 782 -11.36 9.18 -17.10
CA ASP A 782 -12.54 8.50 -17.68
C ASP A 782 -13.86 8.89 -16.98
N VAL A 783 -13.81 9.08 -15.67
CA VAL A 783 -14.97 9.51 -14.91
C VAL A 783 -15.24 10.98 -15.17
N LEU A 784 -14.19 11.79 -15.11
CA LEU A 784 -14.29 13.24 -15.36
C LEU A 784 -14.87 13.52 -16.74
N TRP A 785 -14.46 12.72 -17.72
CA TRP A 785 -14.97 12.81 -19.07
C TRP A 785 -16.39 12.30 -19.16
N LYS A 786 -16.65 11.14 -18.56
CA LYS A 786 -18.00 10.56 -18.56
C LYS A 786 -19.05 11.48 -17.90
N GLN A 787 -18.63 12.24 -16.89
CA GLN A 787 -19.49 13.25 -16.25
C GLN A 787 -19.89 14.42 -17.13
N GLU A 788 -19.14 14.68 -18.19
CA GLU A 788 -19.49 15.66 -19.21
C GLU A 788 -20.13 15.01 -20.45
N GLY A 789 -20.53 13.74 -20.34
CA GLY A 789 -21.15 12.99 -21.44
C GLY A 789 -20.20 12.58 -22.56
N LEU A 790 -18.95 12.33 -22.19
CA LEU A 790 -17.89 11.96 -23.12
C LEU A 790 -17.31 10.62 -22.69
N ASP A 791 -17.82 9.54 -23.28
CA ASP A 791 -17.28 8.21 -23.08
C ASP A 791 -16.23 8.02 -24.16
N LEU A 792 -14.96 7.99 -23.77
CA LEU A 792 -13.84 7.78 -24.69
C LEU A 792 -13.35 6.33 -24.72
N ARG A 793 -14.18 5.40 -24.27
CA ARG A 793 -13.92 3.96 -24.38
C ARG A 793 -12.55 3.53 -23.88
N MET A 794 -12.19 4.02 -22.70
CA MET A 794 -10.89 3.69 -22.08
C MET A 794 -10.91 2.28 -21.50
N THR A 795 -9.74 1.80 -21.10
CA THR A 795 -9.59 0.48 -20.50
C THR A 795 -8.67 0.60 -19.27
N PRO A 796 -9.23 1.05 -18.13
CA PRO A 796 -8.47 1.19 -16.90
C PRO A 796 -8.47 -0.12 -16.13
N TYR A 797 -7.70 -1.08 -16.66
CA TYR A 797 -7.66 -2.44 -16.14
C TYR A 797 -7.18 -2.46 -14.70
N GLY A 798 -7.53 -3.53 -13.99
CA GLY A 798 -7.14 -3.70 -12.60
C GLY A 798 -5.66 -3.95 -12.42
N CYS A 799 -5.09 -3.29 -11.41
CA CYS A 799 -3.71 -3.49 -10.98
C CYS A 799 -3.61 -3.22 -9.50
N LEU A 800 -3.17 -4.23 -8.73
CA LEU A 800 -3.15 -4.14 -7.25
C LEU A 800 -1.86 -4.74 -6.70
N PRO A 801 -0.99 -3.92 -6.07
CA PRO A 801 0.12 -4.48 -5.31
C PRO A 801 -0.40 -5.19 -4.07
N THR A 802 0.03 -6.43 -3.87
CA THR A 802 -0.41 -7.27 -2.77
C THR A 802 0.66 -7.57 -1.72
N GLY A 803 1.93 -7.28 -2.04
CA GLY A 803 3.02 -7.58 -1.12
C GLY A 803 4.31 -6.91 -1.48
N ASP A 804 5.41 -7.47 -0.99
CA ASP A 804 6.75 -6.96 -1.31
C ASP A 804 7.05 -7.35 -2.75
N ARG A 805 7.06 -6.34 -3.63
CA ARG A 805 7.35 -6.50 -5.06
C ARG A 805 6.49 -7.58 -5.69
N THR A 806 5.23 -7.58 -5.29
CA THR A 806 4.26 -8.60 -5.68
C THR A 806 2.92 -7.95 -5.98
N GLY A 807 2.29 -8.36 -7.07
CA GLY A 807 0.96 -7.87 -7.45
C GLY A 807 0.22 -8.74 -8.45
N LEU A 808 -1.05 -8.40 -8.65
CA LEU A 808 -1.88 -8.97 -9.69
C LEU A 808 -2.22 -7.90 -10.70
N ILE A 809 -2.24 -8.30 -11.98
CA ILE A 809 -2.68 -7.44 -13.08
C ILE A 809 -3.82 -8.14 -13.79
N GLU A 810 -4.85 -7.38 -14.14
CA GLU A 810 -6.02 -7.92 -14.83
C GLU A 810 -5.61 -8.23 -16.25
N VAL A 811 -6.05 -9.37 -16.77
CA VAL A 811 -5.89 -9.69 -18.16
C VAL A 811 -7.16 -9.22 -18.83
N VAL A 812 -7.01 -8.39 -19.86
CA VAL A 812 -8.13 -7.93 -20.66
C VAL A 812 -8.28 -8.92 -21.79
N LEU A 813 -9.39 -9.65 -21.81
CA LEU A 813 -9.59 -10.70 -22.82
C LEU A 813 -9.70 -10.11 -24.21
N ARG A 814 -9.33 -10.92 -25.19
CA ARG A 814 -9.44 -10.56 -26.60
C ARG A 814 -8.68 -9.27 -26.83
N SER A 815 -7.36 -9.33 -26.67
CA SER A 815 -6.49 -8.19 -26.92
C SER A 815 -5.06 -8.65 -27.12
N ASP A 816 -4.31 -7.91 -27.96
CA ASP A 816 -2.90 -8.16 -28.21
C ASP A 816 -2.16 -6.83 -28.41
N THR A 817 -0.84 -6.90 -28.30
CA THR A 817 0.03 -5.74 -28.49
C THR A 817 0.14 -5.43 -29.97
N ILE A 818 0.40 -4.18 -30.28
CA ILE A 818 0.45 -3.70 -31.66
C ILE A 818 1.62 -4.35 -32.42
N ALA A 819 2.74 -4.57 -31.75
CA ALA A 819 3.90 -5.28 -32.33
C ALA A 819 3.52 -6.66 -32.90
N ASN A 820 2.83 -7.46 -32.08
CA ASN A 820 2.42 -8.82 -32.47
C ASN A 820 1.46 -8.83 -33.65
N ILE A 821 0.49 -7.92 -33.64
CA ILE A 821 -0.50 -7.79 -34.72
C ILE A 821 0.16 -7.37 -36.05
N GLN A 822 1.13 -6.46 -35.96
CA GLN A 822 1.97 -6.10 -37.11
C GLN A 822 2.95 -7.20 -37.53
N LEU A 823 3.45 -7.98 -36.58
CA LEU A 823 4.33 -9.12 -36.85
C LEU A 823 3.66 -10.28 -37.61
N ASN A 824 2.36 -10.50 -37.39
CA ASN A 824 1.62 -11.55 -38.11
C ASN A 824 1.39 -11.18 -39.58
N ASP A 837 -2.09 -0.65 -42.77
CA ASP A 837 -1.69 -1.80 -43.60
C ASP A 837 -2.14 -3.12 -42.97
N ALA A 838 -1.70 -3.35 -41.72
CA ALA A 838 -1.88 -4.63 -41.01
C ALA A 838 -2.82 -4.54 -39.81
N LEU A 839 -2.69 -3.45 -39.06
CA LEU A 839 -3.61 -3.12 -37.97
C LEU A 839 -5.05 -3.01 -38.47
N LEU A 840 -5.24 -2.33 -39.60
CA LEU A 840 -6.55 -2.16 -40.23
C LEU A 840 -7.17 -3.49 -40.67
N ASN A 841 -6.36 -4.34 -41.30
CA ASN A 841 -6.80 -5.69 -41.68
C ASN A 841 -7.16 -6.57 -40.49
N TRP A 842 -6.40 -6.46 -39.41
CA TRP A 842 -6.68 -7.19 -38.19
C TRP A 842 -8.08 -6.87 -37.67
N LEU A 843 -8.45 -5.59 -37.69
CA LEU A 843 -9.80 -5.17 -37.31
C LEU A 843 -10.89 -5.75 -38.22
N LYS A 844 -10.61 -5.89 -39.52
CA LYS A 844 -11.57 -6.53 -40.45
C LYS A 844 -11.95 -7.95 -40.00
N SER A 845 -10.95 -8.75 -39.63
CA SER A 845 -11.17 -10.12 -39.18
C SER A 845 -11.94 -10.23 -37.85
N LYS A 846 -11.80 -9.21 -36.99
CA LYS A 846 -12.50 -9.15 -35.71
C LYS A 846 -13.82 -8.37 -35.76
N ASN A 847 -14.03 -7.61 -36.85
CA ASN A 847 -15.25 -6.81 -37.07
C ASN A 847 -15.61 -6.81 -38.55
N PRO A 848 -16.26 -7.88 -39.02
CA PRO A 848 -16.63 -7.95 -40.43
C PRO A 848 -17.88 -7.13 -40.76
N GLY A 849 -17.95 -6.63 -41.99
CA GLY A 849 -19.12 -5.91 -42.51
C GLY A 849 -19.50 -4.63 -41.78
N GLU A 850 -20.63 -4.70 -41.06
CA GLU A 850 -21.17 -3.55 -40.33
C GLU A 850 -20.31 -3.17 -39.12
N ALA A 851 -19.81 -4.20 -38.42
CA ALA A 851 -19.03 -4.04 -37.18
C ALA A 851 -17.84 -3.09 -37.31
N LEU A 852 -17.17 -3.13 -38.47
CA LEU A 852 -15.92 -2.36 -38.70
C LEU A 852 -16.03 -0.86 -38.40
N ASP A 853 -17.16 -0.27 -38.79
CA ASP A 853 -17.46 1.13 -38.47
C ASP A 853 -17.42 1.42 -36.96
N ARG A 854 -17.96 0.51 -36.15
CA ARG A 854 -17.89 0.64 -34.69
C ARG A 854 -16.44 0.56 -34.23
N ALA A 855 -15.73 -0.46 -34.70
CA ALA A 855 -14.32 -0.69 -34.33
C ALA A 855 -13.39 0.51 -34.52
N ILE A 856 -13.59 1.26 -35.61
CA ILE A 856 -12.85 2.50 -35.87
C ILE A 856 -13.21 3.57 -34.85
N GLU A 857 -14.50 3.76 -34.61
CA GLU A 857 -14.98 4.73 -33.63
C GLU A 857 -14.41 4.39 -32.21
N GLU A 858 -14.47 3.11 -31.84
CA GLU A 858 -13.84 2.62 -30.62
C GLU A 858 -12.36 2.97 -30.57
N PHE A 859 -11.68 2.82 -31.71
CA PHE A 859 -10.27 3.17 -31.85
C PHE A 859 -10.02 4.65 -31.69
N THR A 860 -10.80 5.46 -32.40
CA THR A 860 -10.63 6.90 -32.40
C THR A 860 -10.86 7.47 -31.01
N LEU A 861 -12.04 7.20 -30.45
CA LEU A 861 -12.40 7.64 -29.10
C LEU A 861 -11.31 7.30 -28.07
N SER A 862 -10.88 6.04 -28.06
CA SER A 862 -9.80 5.60 -27.17
C SER A 862 -8.42 6.17 -27.53
N CYS A 863 -8.11 6.26 -28.82
CA CYS A 863 -6.81 6.81 -29.24
C CYS A 863 -6.68 8.28 -28.79
N ALA A 864 -7.78 9.03 -28.84
CA ALA A 864 -7.83 10.40 -28.31
C ALA A 864 -7.51 10.45 -26.82
N GLY A 865 -8.30 9.71 -26.03
CA GLY A 865 -8.18 9.70 -24.57
C GLY A 865 -6.81 9.32 -24.07
N TYR A 866 -6.24 8.25 -24.66
CA TYR A 866 -4.89 7.83 -24.31
C TYR A 866 -3.82 8.76 -24.88
N CYS A 867 -4.08 9.41 -25.99
CA CYS A 867 -3.18 10.47 -26.46
C CYS A 867 -3.10 11.62 -25.48
N VAL A 868 -4.22 11.98 -24.85
CA VAL A 868 -4.25 13.12 -23.91
C VAL A 868 -3.71 12.67 -22.56
N ALA A 869 -4.26 11.58 -22.05
CA ALA A 869 -3.83 10.98 -20.79
C ALA A 869 -2.32 10.90 -20.72
N THR A 870 -1.70 10.25 -21.70
CA THR A 870 -0.24 10.06 -21.70
C THR A 870 0.56 11.36 -21.78
N TYR A 871 0.03 12.33 -22.49
CA TYR A 871 0.68 13.65 -22.63
C TYR A 871 0.71 14.37 -21.29
N VAL A 872 -0.47 14.44 -20.68
CA VAL A 872 -0.68 15.06 -19.38
C VAL A 872 0.24 14.45 -18.32
N LEU A 873 0.10 13.16 -18.11
CA LEU A 873 0.88 12.45 -17.08
C LEU A 873 2.37 12.32 -17.40
N GLY A 874 2.76 12.62 -18.64
CA GLY A 874 4.17 12.62 -19.00
C GLY A 874 4.71 11.22 -19.13
N ILE A 875 3.91 10.31 -19.68
CA ILE A 875 4.28 8.90 -19.75
C ILE A 875 5.08 8.70 -21.02
N GLY A 876 6.38 8.57 -20.87
CA GLY A 876 7.28 8.35 -22.01
C GLY A 876 7.35 6.90 -22.46
N ASP A 877 8.44 6.56 -23.14
CA ASP A 877 8.80 5.17 -23.46
C ASP A 877 7.68 4.37 -24.16
N ARG A 878 6.80 5.07 -24.88
CA ARG A 878 5.67 4.43 -25.57
C ARG A 878 6.15 3.76 -26.84
N HIS A 879 5.63 2.57 -27.13
CA HIS A 879 6.00 1.82 -28.34
C HIS A 879 5.02 0.65 -28.58
N SER A 880 5.27 -0.11 -29.64
CA SER A 880 4.38 -1.21 -30.05
C SER A 880 4.20 -2.34 -29.02
N ASP A 881 5.25 -2.64 -28.24
CA ASP A 881 5.15 -3.64 -27.16
C ASP A 881 4.27 -3.22 -25.97
N ASN A 882 4.16 -1.92 -25.69
CA ASN A 882 3.40 -1.44 -24.52
C ASN A 882 2.11 -0.68 -24.85
N ILE A 883 1.63 -0.83 -26.08
CA ILE A 883 0.31 -0.35 -26.49
C ILE A 883 -0.42 -1.54 -27.09
N MET A 884 -1.64 -1.74 -26.62
CA MET A 884 -2.44 -2.89 -27.00
C MET A 884 -3.75 -2.42 -27.56
N ILE A 885 -4.41 -3.33 -28.28
CA ILE A 885 -5.68 -3.04 -28.90
C ILE A 885 -6.62 -4.22 -28.67
N ARG A 886 -7.88 -3.90 -28.37
CA ARG A 886 -8.93 -4.91 -28.21
C ARG A 886 -9.56 -5.29 -29.54
N GLU A 887 -10.11 -6.50 -29.61
CA GLU A 887 -10.90 -6.94 -30.77
C GLU A 887 -12.12 -6.06 -31.02
N SER A 888 -12.62 -5.42 -29.96
CA SER A 888 -13.67 -4.41 -30.08
C SER A 888 -13.29 -3.19 -30.91
N GLY A 889 -11.99 -2.89 -30.97
CA GLY A 889 -11.47 -1.67 -31.57
C GLY A 889 -10.69 -0.76 -30.62
N GLN A 890 -10.86 -0.96 -29.31
CA GLN A 890 -10.29 -0.05 -28.30
C GLN A 890 -8.79 -0.22 -28.12
N LEU A 891 -8.08 0.90 -28.24
CA LEU A 891 -6.64 0.96 -28.01
C LEU A 891 -6.43 1.25 -26.54
N PHE A 892 -5.35 0.75 -25.97
CA PHE A 892 -4.99 1.12 -24.58
C PHE A 892 -3.52 0.82 -24.28
N HIS A 893 -3.00 1.55 -23.30
CA HIS A 893 -1.62 1.49 -22.90
C HIS A 893 -1.41 0.59 -21.67
N ILE A 894 -0.18 0.08 -21.54
CA ILE A 894 0.25 -0.73 -20.39
C ILE A 894 1.66 -0.40 -19.92
N ASP A 895 2.03 -0.92 -18.75
CA ASP A 895 3.40 -0.84 -18.27
C ASP A 895 3.87 0.60 -18.12
N PHE A 896 3.25 1.31 -17.18
CA PHE A 896 3.51 2.73 -17.00
C PHE A 896 4.65 2.95 -16.03
N GLY A 897 5.81 2.39 -16.36
CA GLY A 897 6.96 2.38 -15.45
C GLY A 897 7.61 3.74 -15.30
N HIS A 898 7.70 4.46 -16.41
CA HIS A 898 8.25 5.80 -16.44
C HIS A 898 7.11 6.78 -16.63
N PHE A 899 7.09 7.86 -15.85
CA PHE A 899 6.06 8.91 -15.98
C PHE A 899 6.51 10.26 -15.43
N LEU A 900 5.71 11.30 -15.67
CA LEU A 900 6.12 12.70 -15.44
C LEU A 900 7.45 13.08 -16.12
N GLY A 901 7.60 12.62 -17.36
CA GLY A 901 8.78 12.93 -18.17
C GLY A 901 10.07 12.24 -17.77
N ASN A 902 9.96 11.23 -16.91
CA ASN A 902 11.12 10.51 -16.37
C ASN A 902 11.21 9.12 -17.00
N GLU A 912 12.76 16.04 -18.37
CA GLU A 912 12.46 16.61 -19.69
C GLU A 912 11.03 16.30 -20.13
N ARG A 913 10.42 17.23 -20.88
CA ARG A 913 9.02 17.11 -21.29
C ARG A 913 8.80 16.11 -22.41
N VAL A 914 7.87 15.20 -22.19
CA VAL A 914 7.39 14.31 -23.25
C VAL A 914 6.48 15.13 -24.17
N PRO A 915 6.75 15.13 -25.50
CA PRO A 915 5.85 15.82 -26.42
C PRO A 915 4.53 15.07 -26.63
N PHE A 916 3.59 15.72 -27.29
CA PHE A 916 2.32 15.09 -27.68
C PHE A 916 2.62 14.20 -28.88
N ILE A 917 2.00 13.02 -28.90
CA ILE A 917 2.38 11.96 -29.84
C ILE A 917 1.17 11.41 -30.62
N LEU A 918 1.17 11.71 -31.92
CA LEU A 918 0.28 11.08 -32.90
C LEU A 918 1.12 10.12 -33.72
N THR A 919 0.65 8.88 -33.84
CA THR A 919 1.34 7.85 -34.61
C THR A 919 0.64 7.68 -35.93
N TYR A 920 1.43 7.58 -37.00
CA TYR A 920 0.90 7.50 -38.35
C TYR A 920 0.01 6.29 -38.49
N ASP A 921 0.47 5.15 -37.97
CA ASP A 921 -0.32 3.91 -38.01
C ASP A 921 -1.69 4.04 -37.35
N PHE A 922 -1.80 4.87 -36.33
CA PHE A 922 -3.08 5.16 -35.67
C PHE A 922 -3.91 6.15 -36.49
N VAL A 923 -3.28 7.20 -36.97
CA VAL A 923 -3.95 8.20 -37.82
C VAL A 923 -4.52 7.52 -39.07
N HIS A 924 -3.77 6.57 -39.62
CA HIS A 924 -4.22 5.77 -40.78
C HIS A 924 -5.51 5.02 -40.52
N VAL A 925 -5.67 4.49 -39.31
CA VAL A 925 -6.89 3.78 -38.90
C VAL A 925 -8.02 4.76 -38.67
N ILE A 926 -7.74 5.81 -37.90
CA ILE A 926 -8.66 6.92 -37.65
C ILE A 926 -9.38 7.44 -38.90
N GLN A 927 -8.62 7.61 -39.99
CA GLN A 927 -9.16 8.10 -41.27
C GLN A 927 -9.82 7.02 -42.16
N GLN A 928 -9.97 5.82 -41.60
CA GLN A 928 -10.61 4.66 -42.27
C GLN A 928 -9.81 4.17 -43.47
N GLY A 929 -8.48 4.26 -43.36
CA GLY A 929 -7.55 3.86 -44.43
C GLY A 929 -7.22 4.90 -45.48
N LYS A 930 -7.93 6.03 -45.47
CA LYS A 930 -7.79 7.06 -46.51
C LYS A 930 -6.52 7.90 -46.33
N THR A 931 -6.14 8.60 -47.40
CA THR A 931 -5.03 9.56 -47.35
C THR A 931 -5.49 10.83 -46.62
N ASN A 932 -6.61 11.38 -47.08
CA ASN A 932 -7.27 12.53 -46.43
C ASN A 932 -8.73 12.20 -46.09
N ASN A 933 -9.06 12.24 -44.81
CA ASN A 933 -10.43 12.15 -44.33
C ASN A 933 -10.61 13.17 -43.21
N SER A 934 -10.58 14.45 -43.58
CA SER A 934 -10.55 15.52 -42.59
C SER A 934 -11.81 15.62 -41.75
N GLU A 935 -12.96 15.20 -42.27
CA GLU A 935 -14.18 15.14 -41.47
C GLU A 935 -13.97 14.28 -40.23
N LYS A 936 -13.40 13.09 -40.43
CA LYS A 936 -13.09 12.17 -39.35
C LYS A 936 -11.94 12.67 -38.46
N PHE A 937 -10.87 13.16 -39.08
CA PHE A 937 -9.73 13.69 -38.34
C PHE A 937 -10.05 14.92 -37.48
N GLU A 938 -11.02 15.73 -37.92
CA GLU A 938 -11.49 16.89 -37.16
C GLU A 938 -12.25 16.50 -35.90
N ARG A 939 -13.04 15.42 -35.99
CA ARG A 939 -13.72 14.84 -34.84
C ARG A 939 -12.73 14.39 -33.78
N PHE A 940 -11.69 13.69 -34.25
CA PHE A 940 -10.58 13.22 -33.41
C PHE A 940 -9.81 14.37 -32.77
N ARG A 941 -9.58 15.43 -33.52
CA ARG A 941 -9.02 16.67 -32.98
C ARG A 941 -9.96 17.26 -31.92
N GLY A 942 -11.26 17.19 -32.17
CA GLY A 942 -12.26 17.71 -31.24
C GLY A 942 -12.31 16.96 -29.93
N TYR A 943 -12.21 15.63 -30.04
CA TYR A 943 -12.16 14.77 -28.88
C TYR A 943 -10.95 15.12 -28.01
N CYS A 944 -9.76 15.16 -28.62
CA CYS A 944 -8.52 15.48 -27.90
C CYS A 944 -8.60 16.82 -27.16
N GLU A 945 -9.15 17.83 -27.84
CA GLU A 945 -9.33 19.15 -27.22
C GLU A 945 -10.33 19.12 -26.06
N ARG A 946 -11.49 18.52 -26.28
CA ARG A 946 -12.53 18.43 -25.25
C ARG A 946 -12.01 17.66 -24.04
N ALA A 947 -11.37 16.53 -24.31
CA ALA A 947 -10.71 15.74 -23.28
C ALA A 947 -9.79 16.64 -22.44
N TYR A 948 -8.82 17.25 -23.10
CA TYR A 948 -7.80 18.08 -22.46
C TYR A 948 -8.38 19.28 -21.73
N THR A 949 -9.40 19.90 -22.31
CA THR A 949 -10.13 21.01 -21.69
C THR A 949 -10.68 20.60 -20.33
N ILE A 950 -11.38 19.48 -20.33
CA ILE A 950 -12.04 18.95 -19.14
C ILE A 950 -11.05 18.68 -18.01
N LEU A 951 -9.89 18.11 -18.34
CA LEU A 951 -8.84 17.86 -17.35
C LEU A 951 -8.30 19.14 -16.67
N ARG A 952 -8.18 20.23 -17.44
CA ARG A 952 -7.82 21.53 -16.87
C ARG A 952 -8.86 22.04 -15.86
N ARG A 953 -10.14 21.91 -16.22
CA ARG A 953 -11.24 22.30 -15.32
C ARG A 953 -11.14 21.61 -13.95
N HIS A 954 -10.58 20.39 -13.91
CA HIS A 954 -10.29 19.68 -12.67
C HIS A 954 -8.80 19.55 -12.41
N GLY A 955 -8.05 20.60 -12.72
CA GLY A 955 -6.59 20.56 -12.64
C GLY A 955 -6.00 20.49 -11.23
N LEU A 956 -6.57 21.26 -10.31
CA LEU A 956 -6.15 21.26 -8.91
C LEU A 956 -6.41 19.93 -8.23
N LEU A 957 -7.46 19.22 -8.63
CA LEU A 957 -7.72 17.88 -8.10
C LEU A 957 -6.50 17.00 -8.32
N PHE A 958 -6.01 16.99 -9.56
CA PHE A 958 -4.80 16.23 -9.93
C PHE A 958 -3.55 16.69 -9.19
N LEU A 959 -3.36 18.00 -9.04
CA LEU A 959 -2.17 18.49 -8.31
C LEU A 959 -2.19 18.01 -6.86
N HIS A 960 -3.31 18.25 -6.20
CA HIS A 960 -3.51 17.88 -4.80
C HIS A 960 -3.29 16.41 -4.55
N LEU A 961 -3.86 15.56 -5.39
CA LEU A 961 -3.72 14.10 -5.24
C LEU A 961 -2.28 13.66 -5.37
N PHE A 962 -1.64 14.08 -6.46
CA PHE A 962 -0.19 13.88 -6.65
C PHE A 962 0.65 14.44 -5.49
N ALA A 963 0.28 15.59 -4.97
CA ALA A 963 0.94 16.20 -3.82
C ALA A 963 0.96 15.28 -2.59
N LEU A 964 -0.13 14.54 -2.40
CA LEU A 964 -0.24 13.57 -1.31
C LEU A 964 0.55 12.29 -1.60
N MET A 965 0.56 11.84 -2.86
CA MET A 965 1.41 10.70 -3.29
C MET A 965 2.94 10.88 -3.18
N ARG A 966 3.39 12.08 -2.89
CA ARG A 966 4.79 12.29 -2.51
C ARG A 966 5.17 11.51 -1.25
N ALA A 967 4.18 11.26 -0.37
CA ALA A 967 4.31 10.36 0.78
C ALA A 967 4.72 8.92 0.46
N ALA A 968 4.30 8.42 -0.69
CA ALA A 968 4.54 7.04 -1.10
C ALA A 968 5.99 6.67 -1.38
N GLY A 969 6.87 7.66 -1.50
CA GLY A 969 8.29 7.42 -1.71
C GLY A 969 8.60 6.77 -3.03
N LEU A 970 7.85 7.12 -4.08
CA LEU A 970 8.15 6.70 -5.44
C LEU A 970 9.30 7.56 -5.95
N PRO A 971 10.28 6.95 -6.68
CA PRO A 971 11.40 7.75 -7.20
C PRO A 971 10.94 8.89 -8.13
N GLU A 972 10.06 8.56 -9.08
CA GLU A 972 9.55 9.52 -10.06
C GLU A 972 8.41 10.44 -9.59
N LEU A 973 8.04 10.35 -8.31
CA LEU A 973 7.14 11.30 -7.70
C LEU A 973 7.63 11.58 -6.29
N SER A 974 8.52 12.55 -6.17
CA SER A 974 9.22 12.84 -4.90
C SER A 974 9.42 14.33 -4.54
N CYS A 975 8.90 15.27 -5.34
CA CYS A 975 9.17 16.71 -5.11
C CYS A 975 8.30 17.62 -5.99
N SER A 976 8.37 18.92 -5.70
CA SER A 976 7.65 19.99 -6.42
C SER A 976 7.82 20.00 -7.94
N LYS A 977 8.99 19.58 -8.43
CA LYS A 977 9.29 19.48 -9.86
C LYS A 977 8.39 18.48 -10.55
N ASP A 978 8.20 17.33 -9.90
CA ASP A 978 7.28 16.29 -10.37
C ASP A 978 5.81 16.79 -10.40
N ILE A 979 5.45 17.65 -9.45
CA ILE A 979 4.12 18.27 -9.40
C ILE A 979 4.02 19.40 -10.44
N GLN A 980 5.12 20.12 -10.65
CA GLN A 980 5.21 21.19 -11.65
C GLN A 980 4.97 20.66 -13.08
N TYR A 981 5.34 19.40 -13.32
CA TYR A 981 5.11 18.78 -14.62
C TYR A 981 3.64 18.83 -14.99
N LEU A 982 2.78 18.44 -14.06
CA LEU A 982 1.35 18.51 -14.25
C LEU A 982 0.85 19.93 -14.44
N LYS A 983 1.40 20.88 -13.70
CA LYS A 983 1.01 22.30 -13.80
C LYS A 983 1.21 22.84 -15.22
N ASP A 984 2.39 22.55 -15.78
CA ASP A 984 2.75 22.95 -17.14
C ASP A 984 2.03 22.16 -18.23
N SER A 985 1.93 20.84 -18.05
CA SER A 985 1.22 19.99 -19.02
C SER A 985 -0.30 20.29 -19.13
N LEU A 986 -0.90 20.71 -18.03
CA LEU A 986 -2.31 21.18 -18.04
C LEU A 986 -2.40 22.69 -18.20
N ALA A 987 -1.25 23.37 -18.15
CA ALA A 987 -1.17 24.80 -18.44
C ALA A 987 -2.15 25.62 -17.60
N LEU A 988 -2.13 25.37 -16.29
CA LEU A 988 -3.05 26.01 -15.36
C LEU A 988 -2.73 27.49 -15.17
N GLY A 989 -1.43 27.82 -15.21
CA GLY A 989 -0.96 29.20 -15.18
C GLY A 989 -1.49 30.07 -16.31
N LYS A 990 -1.62 29.47 -17.50
CA LYS A 990 -2.23 30.12 -18.66
C LYS A 990 -3.76 30.07 -18.57
N THR A 991 -4.41 31.01 -19.25
CA THR A 991 -5.88 31.04 -19.32
C THR A 991 -6.41 29.92 -20.23
N GLU A 992 -7.72 29.72 -20.21
CA GLU A 992 -8.34 28.61 -20.97
C GLU A 992 -8.19 28.78 -22.49
N GLU A 993 -8.29 30.02 -22.97
CA GLU A 993 -8.07 30.33 -24.38
C GLU A 993 -6.61 30.12 -24.79
N GLU A 994 -5.69 30.63 -23.97
CA GLU A 994 -4.24 30.45 -24.19
C GLU A 994 -3.83 28.98 -24.18
N ALA A 995 -4.45 28.21 -23.30
CA ALA A 995 -4.21 26.78 -23.18
C ALA A 995 -4.52 26.04 -24.47
N LEU A 996 -5.72 26.27 -25.00
CA LEU A 996 -6.19 25.62 -26.24
C LEU A 996 -5.34 25.92 -27.47
N LYS A 997 -4.87 27.16 -27.58
CA LYS A 997 -4.01 27.57 -28.70
C LYS A 997 -2.66 26.84 -28.65
N HIS A 998 -2.09 26.72 -27.45
CA HIS A 998 -0.84 25.99 -27.27
C HIS A 998 -1.01 24.50 -27.53
N PHE A 999 -2.03 23.90 -26.94
CA PHE A 999 -2.38 22.49 -27.22
C PHE A 999 -2.50 22.20 -28.72
N ARG A 1000 -3.16 23.09 -29.45
CA ARG A 1000 -3.28 22.97 -30.92
C ARG A 1000 -1.92 22.98 -31.62
N VAL A 1001 -1.05 23.89 -31.20
CA VAL A 1001 0.32 23.99 -31.75
C VAL A 1001 1.09 22.71 -31.53
N LYS A 1002 1.06 22.21 -30.30
CA LYS A 1002 1.61 20.90 -29.96
C LYS A 1002 0.99 19.82 -30.84
N PHE A 1003 -0.35 19.75 -30.84
CA PHE A 1003 -1.12 18.81 -31.68
C PHE A 1003 -0.66 18.82 -33.12
N ASN A 1004 -0.58 20.00 -33.72
CA ASN A 1004 -0.16 20.14 -35.12
C ASN A 1004 1.25 19.65 -35.37
N GLU A 1005 2.17 19.93 -34.45
CA GLU A 1005 3.55 19.46 -34.58
C GLU A 1005 3.66 17.95 -34.40
N ALA A 1006 2.82 17.39 -33.54
CA ALA A 1006 2.67 15.93 -33.44
C ALA A 1006 2.23 15.33 -34.79
N LEU A 1007 1.28 15.98 -35.46
CA LEU A 1007 0.80 15.52 -36.76
C LEU A 1007 1.87 15.65 -37.85
N ARG A 1008 2.66 16.72 -37.77
CA ARG A 1008 3.85 16.89 -38.62
C ARG A 1008 4.91 15.83 -38.33
N GLU A 1009 5.21 15.60 -37.06
CA GLU A 1009 6.25 14.63 -36.66
C GLU A 1009 5.88 13.18 -36.99
N SER A 1010 4.58 12.89 -37.04
CA SER A 1010 4.04 11.57 -37.38
C SER A 1010 4.55 10.98 -38.72
N TRP A 1011 4.65 11.83 -39.74
CA TRP A 1011 5.15 11.42 -41.06
C TRP A 1011 6.67 11.18 -41.09
N LYS A 1012 7.41 12.03 -40.40
CA LYS A 1012 8.87 11.95 -40.35
C LYS A 1012 9.37 10.66 -39.68
N THR A 1013 8.79 10.33 -38.52
CA THR A 1013 9.09 9.09 -37.77
C THR A 1013 8.98 7.82 -38.63
N LYS A 1014 7.93 7.75 -39.46
CA LYS A 1014 7.64 6.59 -40.30
C LYS A 1014 8.73 6.29 -41.35
N VAL A 1015 9.28 7.35 -41.95
CA VAL A 1015 10.35 7.20 -42.95
C VAL A 1015 11.69 6.98 -42.25
N TYR B 1 34.90 42.35 -7.72
CA TYR B 1 35.42 42.01 -6.37
C TYR B 1 34.59 40.95 -5.67
N GLN B 2 34.28 39.90 -6.42
CA GLN B 2 33.49 38.75 -5.95
C GLN B 2 34.13 37.49 -6.51
N GLN B 3 34.29 36.47 -5.65
CA GLN B 3 35.06 35.25 -6.01
C GLN B 3 34.41 33.96 -5.47
N ASP B 4 34.59 32.86 -6.23
CA ASP B 4 34.24 31.50 -5.79
C ASP B 4 34.89 30.45 -6.72
N GLN B 5 36.15 30.13 -6.43
CA GLN B 5 36.96 29.20 -7.26
C GLN B 5 36.56 27.72 -7.04
N VAL B 6 35.97 27.11 -8.08
CA VAL B 6 35.43 25.72 -8.01
C VAL B 6 35.85 24.81 -9.18
N VAL B 7 35.67 25.30 -10.41
CA VAL B 7 35.98 24.53 -11.62
C VAL B 7 37.49 24.55 -11.92
N LYS B 8 38.06 23.37 -12.14
CA LYS B 8 39.50 23.22 -12.39
C LYS B 8 39.92 23.67 -13.80
N GLU B 9 39.21 23.14 -14.81
CA GLU B 9 39.44 23.49 -16.23
C GLU B 9 38.85 24.87 -16.58
N ASP B 10 39.30 25.45 -17.70
CA ASP B 10 38.80 26.75 -18.17
C ASP B 10 38.70 26.87 -19.70
N ASN B 11 37.95 25.96 -20.31
CA ASN B 11 37.50 26.09 -21.71
C ASN B 11 36.35 25.11 -22.00
N ILE B 12 35.43 25.54 -22.87
CA ILE B 12 34.13 24.90 -23.06
C ILE B 12 34.21 23.40 -23.38
N GLU B 13 35.25 22.97 -24.09
CA GLU B 13 35.45 21.54 -24.37
C GLU B 13 36.09 20.80 -23.20
N ALA B 14 37.13 21.38 -22.61
CA ALA B 14 37.84 20.77 -21.49
C ALA B 14 36.94 20.61 -20.26
N VAL B 15 36.06 21.58 -20.06
CA VAL B 15 35.07 21.55 -18.98
C VAL B 15 33.99 20.52 -19.27
N GLY B 16 33.52 20.49 -20.51
CA GLY B 16 32.51 19.51 -20.94
C GLY B 16 33.02 18.07 -20.97
N LYS B 17 34.31 17.90 -21.24
CA LYS B 17 34.97 16.60 -21.12
C LYS B 17 35.04 16.16 -19.65
N LYS B 18 35.34 17.09 -18.77
CA LYS B 18 35.36 16.84 -17.34
C LYS B 18 33.95 16.57 -16.81
N LEU B 19 32.95 17.26 -17.34
CA LEU B 19 31.54 16.99 -17.04
C LEU B 19 31.14 15.55 -17.41
N HIS B 20 31.65 15.05 -18.54
CA HIS B 20 31.39 13.66 -18.96
C HIS B 20 32.07 12.66 -18.05
N GLU B 21 33.28 12.97 -17.60
CA GLU B 21 33.99 12.13 -16.64
C GLU B 21 33.29 12.09 -15.28
N TYR B 22 32.91 13.26 -14.76
CA TYR B 22 32.28 13.35 -13.45
C TYR B 22 30.87 12.72 -13.41
N ASN B 23 30.12 12.87 -14.49
CA ASN B 23 28.78 12.27 -14.60
C ASN B 23 28.83 10.74 -14.62
N THR B 24 29.77 10.19 -15.36
CA THR B 24 29.96 8.75 -15.44
C THR B 24 30.35 8.20 -14.07
N GLN B 25 31.28 8.89 -13.42
CA GLN B 25 31.70 8.54 -12.07
C GLN B 25 30.58 8.66 -11.03
N PHE B 26 29.67 9.61 -11.23
CA PHE B 26 28.51 9.78 -10.36
C PHE B 26 27.55 8.60 -10.49
N GLN B 27 27.19 8.29 -11.74
CA GLN B 27 26.25 7.20 -12.04
C GLN B 27 26.75 5.82 -11.62
N GLU B 28 28.07 5.61 -11.71
CA GLU B 28 28.68 4.35 -11.29
C GLU B 28 28.68 4.19 -9.76
N LYS B 29 28.90 5.29 -9.05
CA LYS B 29 28.80 5.30 -7.58
C LYS B 29 27.37 5.15 -7.11
N SER B 30 26.44 5.84 -7.79
CA SER B 30 25.02 5.64 -7.51
C SER B 30 24.61 4.17 -7.64
N ARG B 31 25.06 3.52 -8.69
CA ARG B 31 24.82 2.08 -8.86
C ARG B 31 25.44 1.25 -7.75
N GLU B 32 26.62 1.68 -7.27
CA GLU B 32 27.27 1.03 -6.13
C GLU B 32 26.45 1.19 -4.84
N TYR B 33 25.95 2.40 -4.61
CA TYR B 33 25.12 2.67 -3.44
C TYR B 33 23.82 1.85 -3.54
N ASP B 34 23.04 2.10 -4.59
CA ASP B 34 21.76 1.42 -4.82
C ASP B 34 21.86 -0.11 -4.73
N ARG B 35 22.99 -0.66 -5.14
CA ARG B 35 23.25 -2.10 -5.10
C ARG B 35 23.47 -2.60 -3.68
N LEU B 36 24.18 -1.80 -2.89
CA LEU B 36 24.35 -2.06 -1.45
C LEU B 36 23.04 -1.87 -0.69
N TYR B 37 22.30 -0.83 -1.04
CA TYR B 37 21.03 -0.55 -0.38
C TYR B 37 19.99 -1.68 -0.57
N GLU B 38 20.08 -2.44 -1.65
CA GLU B 38 19.30 -3.67 -1.77
C GLU B 38 19.77 -4.70 -0.72
N ASP B 39 21.08 -4.86 -0.59
CA ASP B 39 21.65 -5.76 0.41
C ASP B 39 21.23 -5.37 1.82
N TYR B 40 21.28 -4.07 2.14
CA TYR B 40 20.82 -3.56 3.43
C TYR B 40 19.37 -3.94 3.69
N THR B 41 18.46 -3.57 2.79
CA THR B 41 17.04 -3.87 2.95
C THR B 41 16.75 -5.37 3.01
N ARG B 42 17.41 -6.14 2.14
CA ARG B 42 17.24 -7.59 2.12
C ARG B 42 17.74 -8.21 3.43
N THR B 43 18.93 -7.80 3.84
CA THR B 43 19.53 -8.27 5.09
C THR B 43 18.68 -7.87 6.29
N SER B 44 18.08 -6.68 6.25
CA SER B 44 17.18 -6.23 7.30
C SER B 44 15.92 -7.11 7.38
N GLN B 45 15.32 -7.39 6.21
CA GLN B 45 14.17 -8.31 6.11
C GLN B 45 14.55 -9.71 6.63
N GLU B 46 15.70 -10.21 6.17
CA GLU B 46 16.19 -11.53 6.58
C GLU B 46 16.49 -11.62 8.08
N ILE B 47 17.05 -10.57 8.65
CA ILE B 47 17.38 -10.53 10.08
C ILE B 47 16.13 -10.57 10.94
N GLN B 48 15.09 -9.85 10.53
CA GLN B 48 13.81 -9.87 11.23
C GLN B 48 13.18 -11.26 11.16
N MET B 49 13.24 -11.89 9.98
CA MET B 49 12.78 -13.26 9.80
C MET B 49 13.46 -14.20 10.79
N LYS B 50 14.79 -14.08 10.90
CA LYS B 50 15.55 -14.85 11.86
C LYS B 50 15.16 -14.57 13.30
N ARG B 51 14.85 -13.31 13.61
CA ARG B 51 14.40 -12.92 14.95
C ARG B 51 13.06 -13.53 15.36
N THR B 52 12.06 -13.51 14.48
CA THR B 52 10.77 -14.16 14.79
C THR B 52 10.91 -15.69 14.81
N ALA B 53 11.75 -16.23 13.92
CA ALA B 53 12.13 -17.64 13.96
C ALA B 53 12.72 -18.07 15.32
N ILE B 54 13.44 -17.17 15.98
CA ILE B 54 13.94 -17.40 17.33
C ILE B 54 12.80 -17.36 18.34
N GLU B 55 11.90 -16.39 18.21
CA GLU B 55 10.70 -16.35 19.06
C GLU B 55 9.87 -17.64 18.89
N ALA B 56 9.86 -18.20 17.68
CA ALA B 56 9.19 -19.48 17.41
C ALA B 56 9.89 -20.63 18.12
N PHE B 57 11.22 -20.66 18.05
CA PHE B 57 12.00 -21.62 18.83
C PHE B 57 11.72 -21.50 20.33
N ASN B 58 11.55 -20.28 20.82
CA ASN B 58 11.25 -20.07 22.25
C ASN B 58 9.91 -20.64 22.61
N GLU B 59 8.90 -20.25 21.85
CA GLU B 59 7.52 -20.64 22.13
C GLU B 59 7.26 -22.15 21.92
N THR B 60 8.10 -22.81 21.13
CA THR B 60 8.06 -24.27 21.00
C THR B 60 8.69 -24.91 22.23
N ILE B 61 9.92 -24.53 22.54
CA ILE B 61 10.62 -25.00 23.73
C ILE B 61 9.74 -24.82 24.98
N LYS B 62 9.16 -23.63 25.11
CA LYS B 62 8.23 -23.30 26.18
C LYS B 62 7.09 -24.32 26.30
N ILE B 63 6.57 -24.77 25.16
CA ILE B 63 5.57 -25.86 25.11
C ILE B 63 6.12 -27.20 25.63
N PHE B 64 7.36 -27.53 25.27
CA PHE B 64 8.03 -28.73 25.78
C PHE B 64 8.34 -28.64 27.28
N GLU B 65 8.68 -27.44 27.74
CA GLU B 65 8.91 -27.20 29.17
C GLU B 65 7.60 -27.43 29.95
N GLU B 66 6.47 -26.94 29.40
CA GLU B 66 5.13 -27.21 29.95
C GLU B 66 4.79 -28.70 29.97
N GLN B 67 5.18 -29.42 28.91
CA GLN B 67 4.98 -30.87 28.84
C GLN B 67 5.72 -31.58 29.95
N CYS B 68 6.96 -31.20 30.19
CA CYS B 68 7.74 -31.81 31.27
C CYS B 68 7.12 -31.58 32.64
N GLN B 69 6.76 -30.32 32.92
CA GLN B 69 6.06 -29.96 34.16
C GLN B 69 4.84 -30.85 34.41
N THR B 70 4.03 -31.04 33.38
CA THR B 70 2.84 -31.91 33.42
C THR B 70 3.21 -33.37 33.66
N GLN B 71 4.13 -33.87 32.85
CA GLN B 71 4.64 -35.23 32.99
C GLN B 71 4.99 -35.56 34.44
N GLU B 72 5.74 -34.67 35.09
CA GLU B 72 6.18 -34.85 36.45
C GLU B 72 5.02 -34.87 37.46
N ARG B 73 4.17 -33.85 37.38
CA ARG B 73 2.99 -33.77 38.25
C ARG B 73 2.07 -34.97 38.03
N TYR B 74 1.67 -35.16 36.79
CA TYR B 74 0.71 -36.21 36.43
C TYR B 74 1.20 -37.62 36.76
N SER B 75 2.47 -37.90 36.51
CA SER B 75 2.98 -39.27 36.61
C SER B 75 3.18 -39.79 38.03
N LYS B 76 3.29 -38.87 39.00
CA LYS B 76 3.61 -39.22 40.40
C LYS B 76 2.78 -40.40 40.93
N GLU B 77 1.47 -40.20 40.97
CA GLU B 77 0.55 -41.20 41.56
C GLU B 77 0.49 -42.50 40.77
N TYR B 78 0.62 -42.41 39.45
CA TYR B 78 0.55 -43.60 38.60
C TYR B 78 1.75 -44.56 38.79
N ILE B 79 2.96 -43.99 38.90
CA ILE B 79 4.17 -44.78 39.14
C ILE B 79 4.11 -45.42 40.54
N GLU B 80 3.62 -44.67 41.54
CA GLU B 80 3.44 -45.19 42.90
C GLU B 80 2.30 -46.23 42.99
N LYS B 81 1.18 -45.97 42.28
CA LYS B 81 0.03 -46.90 42.27
C LYS B 81 0.28 -48.18 41.44
N PHE B 82 1.27 -48.13 40.54
CA PHE B 82 1.73 -49.33 39.81
C PHE B 82 2.94 -50.02 40.47
N LYS B 83 3.61 -49.34 41.40
CA LYS B 83 4.68 -49.94 42.23
C LYS B 83 4.07 -51.02 43.12
N ARG B 84 3.07 -50.62 43.90
CA ARG B 84 2.15 -51.56 44.56
C ARG B 84 1.28 -52.16 43.45
N GLU B 85 0.97 -53.46 43.55
CA GLU B 85 0.50 -54.25 42.40
C GLU B 85 1.59 -54.16 41.31
N GLY B 86 2.62 -54.97 41.49
CA GLY B 86 3.94 -54.83 40.85
C GLY B 86 3.95 -54.90 39.34
N ASN B 87 3.65 -53.75 38.74
CA ASN B 87 3.78 -53.51 37.30
C ASN B 87 5.00 -52.59 37.12
N GLU B 88 6.17 -53.21 37.10
CA GLU B 88 7.44 -52.51 36.88
C GLU B 88 7.63 -52.14 35.41
N THR B 89 6.89 -52.81 34.53
CA THR B 89 6.86 -52.46 33.09
C THR B 89 6.38 -51.03 32.87
N GLU B 90 5.20 -50.70 33.38
CA GLU B 90 4.56 -49.39 33.15
C GLU B 90 5.36 -48.20 33.70
N ILE B 91 6.11 -48.42 34.78
CA ILE B 91 6.98 -47.38 35.33
C ILE B 91 8.11 -47.08 34.33
N GLN B 92 8.78 -48.12 33.85
CA GLN B 92 9.93 -47.99 32.94
C GLN B 92 9.56 -47.42 31.57
N ARG B 93 8.36 -47.79 31.08
CA ARG B 93 7.83 -47.22 29.83
C ARG B 93 7.59 -45.72 29.92
N ILE B 94 7.00 -45.29 31.04
CA ILE B 94 6.76 -43.88 31.32
C ILE B 94 8.06 -43.09 31.36
N MET B 95 9.03 -43.58 32.13
CA MET B 95 10.31 -42.87 32.30
C MET B 95 11.13 -42.83 31.01
N HIS B 96 11.09 -43.93 30.26
CA HIS B 96 11.76 -43.98 28.95
C HIS B 96 11.10 -43.04 27.94
N ASN B 97 9.76 -43.00 27.98
CA ASN B 97 8.98 -42.05 27.20
C ASN B 97 9.33 -40.62 27.57
N TYR B 98 9.50 -40.37 28.86
CA TYR B 98 9.93 -39.06 29.37
C TYR B 98 11.37 -38.76 28.96
N GLU B 99 12.24 -39.76 29.05
CA GLU B 99 13.64 -39.62 28.60
C GLU B 99 13.73 -39.35 27.09
N LYS B 100 12.79 -39.92 26.33
CA LYS B 100 12.66 -39.63 24.90
C LYS B 100 12.20 -38.18 24.61
N LEU B 101 11.32 -37.66 25.47
CA LEU B 101 10.85 -36.27 25.36
C LEU B 101 11.98 -35.30 25.68
N LYS B 102 12.65 -35.52 26.81
CA LYS B 102 13.82 -34.72 27.20
C LYS B 102 14.91 -34.71 26.11
N SER B 103 15.09 -35.85 25.45
CA SER B 103 16.09 -36.00 24.39
C SER B 103 15.73 -35.16 23.15
N ARG B 104 14.43 -35.07 22.86
CA ARG B 104 13.93 -34.26 21.75
C ARG B 104 14.11 -32.75 21.97
N ILE B 105 13.92 -32.30 23.21
CA ILE B 105 14.15 -30.89 23.57
C ILE B 105 15.56 -30.46 23.20
N SER B 106 16.55 -31.29 23.54
CA SER B 106 17.94 -30.94 23.29
C SER B 106 18.30 -30.75 21.82
N GLU B 107 17.57 -31.41 20.93
CA GLU B 107 17.70 -31.20 19.49
C GLU B 107 17.17 -29.82 19.08
N ILE B 108 16.01 -29.46 19.63
CA ILE B 108 15.38 -28.17 19.36
C ILE B 108 16.23 -27.02 19.93
N VAL B 109 16.90 -27.26 21.04
CA VAL B 109 17.81 -26.28 21.65
C VAL B 109 19.04 -26.08 20.76
N ASP B 110 19.55 -27.17 20.20
CA ASP B 110 20.64 -27.13 19.23
C ASP B 110 20.23 -26.38 17.96
N SER B 111 19.05 -26.70 17.44
CA SER B 111 18.51 -26.00 16.28
C SER B 111 18.35 -24.51 16.53
N ARG B 112 17.85 -24.15 17.71
CA ARG B 112 17.81 -22.76 18.13
C ARG B 112 19.23 -22.16 18.20
N ARG B 113 20.15 -22.91 18.80
CA ARG B 113 21.53 -22.46 18.93
C ARG B 113 22.11 -22.06 17.57
N ARG B 114 21.92 -22.89 16.55
CA ARG B 114 22.46 -22.63 15.21
C ARG B 114 21.91 -21.36 14.56
N LEU B 115 20.60 -21.17 14.67
CA LEU B 115 19.94 -19.96 14.16
C LEU B 115 20.43 -18.69 14.86
N GLU B 116 20.75 -18.78 16.14
CA GLU B 116 21.32 -17.64 16.87
C GLU B 116 22.72 -17.30 16.36
N GLU B 117 23.48 -18.33 16.00
CA GLU B 117 24.78 -18.14 15.34
C GLU B 117 24.65 -17.45 13.97
N ASP B 118 23.60 -17.79 13.21
CA ASP B 118 23.38 -17.16 11.90
C ASP B 118 23.04 -15.69 12.06
N LEU B 119 22.10 -15.38 12.96
CA LEU B 119 21.69 -14.01 13.22
C LEU B 119 22.84 -13.16 13.76
N LYS B 120 23.72 -13.77 14.56
CA LYS B 120 24.93 -13.10 15.04
C LYS B 120 25.83 -12.76 13.86
N LYS B 121 26.05 -13.76 13.00
CA LYS B 121 26.85 -13.59 11.79
C LYS B 121 26.26 -12.58 10.80
N GLN B 122 24.95 -12.63 10.62
CA GLN B 122 24.26 -11.71 9.71
C GLN B 122 24.11 -10.31 10.28
N ALA B 123 24.08 -10.17 11.60
CA ALA B 123 24.15 -8.84 12.24
C ALA B 123 25.48 -8.16 11.94
N ALA B 124 26.57 -8.93 12.00
CA ALA B 124 27.92 -8.47 11.60
C ALA B 124 27.96 -7.96 10.16
N GLU B 125 27.23 -8.63 9.27
CA GLU B 125 27.10 -8.21 7.87
C GLU B 125 26.33 -6.91 7.77
N TYR B 126 25.14 -6.88 8.36
CA TYR B 126 24.29 -5.68 8.37
C TYR B 126 25.07 -4.42 8.69
N ARG B 127 25.92 -4.49 9.71
CA ARG B 127 26.76 -3.35 10.11
C ARG B 127 27.82 -3.07 9.07
N GLU B 128 28.43 -4.12 8.54
CA GLU B 128 29.41 -4.00 7.47
C GLU B 128 28.85 -3.35 6.20
N ILE B 129 27.59 -3.65 5.88
CA ILE B 129 26.88 -2.98 4.80
C ILE B 129 26.74 -1.51 5.14
N ASP B 130 26.11 -1.22 6.27
CA ASP B 130 25.90 0.15 6.75
C ASP B 130 27.20 0.96 6.89
N LYS B 131 28.30 0.29 7.25
CA LYS B 131 29.60 0.96 7.29
C LYS B 131 30.06 1.34 5.88
N ARG B 132 29.90 0.42 4.94
CA ARG B 132 30.31 0.66 3.56
C ARG B 132 29.48 1.75 2.88
N MET B 133 28.17 1.77 3.13
CA MET B 133 27.29 2.82 2.62
C MET B 133 27.74 4.20 3.09
N ASN B 134 28.16 4.31 4.35
CA ASN B 134 28.57 5.58 4.93
C ASN B 134 29.97 6.04 4.51
N SER B 135 30.76 5.16 3.93
CA SER B 135 32.03 5.55 3.30
C SER B 135 31.83 5.96 1.83
N ILE B 136 30.73 5.52 1.22
CA ILE B 136 30.38 5.87 -0.16
C ILE B 136 29.65 7.22 -0.27
N LYS B 137 28.76 7.52 0.67
CA LYS B 137 28.01 8.77 0.68
C LYS B 137 28.79 10.07 0.41
N PRO B 138 29.92 10.31 1.11
CA PRO B 138 30.66 11.55 0.86
C PRO B 138 31.16 11.69 -0.57
N ASP B 139 31.64 10.59 -1.15
CA ASP B 139 32.05 10.56 -2.56
C ASP B 139 30.84 10.84 -3.47
N LEU B 140 29.77 10.10 -3.21
CA LEU B 140 28.52 10.20 -3.95
C LEU B 140 27.92 11.59 -3.93
N ILE B 141 28.01 12.27 -2.79
CA ILE B 141 27.51 13.63 -2.65
C ILE B 141 28.47 14.62 -3.33
N GLN B 142 29.78 14.43 -3.14
CA GLN B 142 30.78 15.29 -3.81
C GLN B 142 30.66 15.20 -5.31
N LEU B 143 30.45 13.98 -5.82
CA LEU B 143 30.23 13.78 -7.24
C LEU B 143 28.95 14.42 -7.75
N ARG B 144 27.89 14.44 -6.95
CA ARG B 144 26.66 15.15 -7.34
C ARG B 144 26.89 16.66 -7.39
N LYS B 145 27.58 17.19 -6.38
CA LYS B 145 27.83 18.63 -6.25
C LYS B 145 28.77 19.15 -7.33
N THR B 146 29.84 18.39 -7.62
CA THR B 146 30.79 18.72 -8.69
C THR B 146 30.10 18.76 -10.05
N ARG B 147 29.45 17.66 -10.40
CA ARG B 147 28.65 17.51 -11.64
C ARG B 147 27.78 18.74 -11.87
N ASP B 148 27.01 19.10 -10.86
CA ASP B 148 26.10 20.25 -10.94
C ASP B 148 26.83 21.58 -11.13
N GLN B 149 27.99 21.76 -10.49
CA GLN B 149 28.81 22.98 -10.67
C GLN B 149 29.32 23.14 -12.10
N TYR B 150 29.73 22.04 -12.72
CA TYR B 150 30.19 22.05 -14.11
C TYR B 150 29.03 22.38 -15.05
N LEU B 151 27.87 21.75 -14.84
CA LEU B 151 26.64 22.08 -15.58
C LEU B 151 26.28 23.55 -15.52
N MET B 152 26.33 24.10 -14.31
CA MET B 152 26.06 25.50 -14.08
C MET B 152 27.09 26.38 -14.75
N TRP B 153 28.36 26.01 -14.66
CA TRP B 153 29.43 26.75 -15.30
C TRP B 153 29.26 26.81 -16.81
N LEU B 154 28.89 25.69 -17.41
CA LEU B 154 28.66 25.62 -18.85
C LEU B 154 27.37 26.34 -19.26
N THR B 155 26.33 26.23 -18.45
CA THR B 155 25.08 26.96 -18.70
C THR B 155 25.29 28.49 -18.67
N GLN B 156 26.04 28.97 -17.69
CA GLN B 156 26.46 30.37 -17.63
C GLN B 156 27.20 30.81 -18.90
N LYS B 157 28.21 30.03 -19.30
CA LYS B 157 28.99 30.29 -20.52
C LYS B 157 28.16 30.22 -21.81
N GLY B 158 26.96 29.66 -21.72
CA GLY B 158 25.97 29.72 -22.79
C GLY B 158 25.95 28.51 -23.68
N VAL B 159 26.36 27.36 -23.15
CA VAL B 159 26.47 26.12 -23.92
C VAL B 159 25.07 25.54 -24.12
N ARG B 160 24.80 25.12 -25.35
CA ARG B 160 23.48 24.68 -25.77
C ARG B 160 23.15 23.33 -25.16
N GLN B 161 21.86 23.09 -24.94
CA GLN B 161 21.37 21.85 -24.34
C GLN B 161 21.83 20.57 -25.03
N LYS B 162 21.89 20.60 -26.37
CA LYS B 162 22.38 19.46 -27.18
C LYS B 162 23.78 19.01 -26.77
N LYS B 163 24.69 19.98 -26.59
CA LYS B 163 26.05 19.70 -26.15
C LYS B 163 26.12 19.18 -24.70
N LEU B 164 25.24 19.69 -23.84
CA LEU B 164 25.15 19.24 -22.44
C LEU B 164 24.69 17.78 -22.34
N ASN B 165 23.68 17.41 -23.14
CA ASN B 165 23.14 16.06 -23.13
C ASN B 165 24.16 15.00 -23.55
N GLU B 166 24.86 15.26 -24.64
CA GLU B 166 25.85 14.30 -25.17
C GLU B 166 27.04 14.08 -24.22
N TRP B 167 27.33 15.08 -23.37
CA TRP B 167 28.24 14.89 -22.25
C TRP B 167 27.65 14.09 -21.09
N LEU B 168 26.37 14.26 -20.80
CA LEU B 168 25.73 13.54 -19.69
C LEU B 168 25.37 12.09 -20.05
N GLY B 169 24.44 11.93 -21.00
CA GLY B 169 23.96 10.61 -21.43
C GLY B 169 24.88 9.91 -22.43
#